data_5TND
#
_entry.id   5TND
#
_cell.length_a   168.339
_cell.length_b   83.926
_cell.length_c   89.287
_cell.angle_alpha   90.00
_cell.angle_beta   100.48
_cell.angle_gamma   90.00
#
_symmetry.space_group_name_H-M   'C 1 2 1'
#
loop_
_entity.id
_entity.type
_entity.pdbx_description
1 polymer 'CFTR inhibitory factor'
2 non-polymer (1R,2R)-cyclohexane-1,2-diol
3 non-polymer (1S,2S)-cyclohexane-1,2-diol
4 water water
#
_entity_poly.entity_id   1
_entity_poly.type   'polypeptide(L)'
_entity_poly.pdbx_seq_one_letter_code
;AEEFPVPNGFESAYREVDGVKLHYVKGGQGPLVMLVHGFGQTWYEWHQLMPELAKRFTVIAPDLPGLGQSEPPKTGYSGE
QVAVYLHKLARQFSPDRPFDLVAHDIGIWNTYPMVVKNQADIARLVYMQAPIPDARIYRFPAFTAQGESLVWHFSFFAAD
DRLAETLIAGKERFFLEHFIKSHASNTEVFSERLLDLYARSYAKPHSLNASFEYYRALNESVRQNAELAKTRLQMPTMTL
AGGGHGGMGTFQLEQMKAYAEDVEGHVLPGCGHWLPEECAAPMNRLVIDFLSRGRHHHHHH
;
_entity_poly.pdbx_strand_id   C,D,A,B
#
loop_
_chem_comp.id
_chem_comp.type
_chem_comp.name
_chem_comp.formula
3ZQ non-polymer (1S,2S)-cyclohexane-1,2-diol 'C6 H12 O2'
40O non-polymer (1R,2R)-cyclohexane-1,2-diol 'C6 H12 O2'
#
# COMPACT_ATOMS: atom_id res chain seq x y z
N ALA A 1 -30.23 10.77 7.58
CA ALA A 1 -28.96 10.90 8.29
C ALA A 1 -27.90 11.48 7.36
N GLU A 2 -26.67 11.58 7.86
CA GLU A 2 -25.54 12.07 7.08
C GLU A 2 -24.54 10.94 6.86
N GLU A 3 -24.03 10.83 5.64
CA GLU A 3 -23.04 9.80 5.36
C GLU A 3 -21.68 10.12 5.98
N PHE A 4 -21.35 11.40 6.16
CA PHE A 4 -20.06 11.84 6.69
C PHE A 4 -20.28 12.99 7.67
N PRO A 5 -19.44 13.10 8.70
CA PRO A 5 -19.66 14.15 9.71
C PRO A 5 -19.31 15.53 9.17
N VAL A 6 -20.20 16.48 9.41
CA VAL A 6 -20.03 17.86 8.97
C VAL A 6 -19.06 18.56 9.90
N PRO A 7 -18.11 19.36 9.40
CA PRO A 7 -17.23 20.12 10.31
C PRO A 7 -18.01 21.13 11.11
N ASN A 8 -17.49 21.46 12.29
CA ASN A 8 -18.17 22.42 13.15
C ASN A 8 -18.41 23.72 12.41
N GLY A 9 -19.62 24.25 12.52
CA GLY A 9 -19.97 25.49 11.86
C GLY A 9 -20.36 25.38 10.41
N PHE A 10 -20.35 24.19 9.85
CA PHE A 10 -20.83 23.96 8.49
C PHE A 10 -22.23 23.34 8.55
N GLU A 11 -22.95 23.46 7.43
CA GLU A 11 -24.27 22.88 7.32
C GLU A 11 -24.32 21.94 6.11
N SER A 12 -25.04 20.83 6.29
CA SER A 12 -25.40 19.95 5.19
C SER A 12 -26.76 20.37 4.66
N ALA A 13 -26.85 20.55 3.34
CA ALA A 13 -28.08 21.05 2.73
C ALA A 13 -28.20 20.49 1.31
N TYR A 14 -29.33 20.81 0.66
CA TYR A 14 -29.63 20.33 -0.67
C TYR A 14 -30.17 21.48 -1.51
N ARG A 15 -29.87 21.44 -2.81
CA ARG A 15 -30.46 22.41 -3.71
C ARG A 15 -30.88 21.70 -4.99
N GLU A 16 -32.14 21.88 -5.39
CA GLU A 16 -32.62 21.35 -6.66
C GLU A 16 -32.10 22.21 -7.79
N VAL A 17 -31.40 21.59 -8.75
CA VAL A 17 -30.84 22.27 -9.91
C VAL A 17 -31.27 21.50 -11.15
N ASP A 18 -32.06 22.14 -12.01
CA ASP A 18 -32.55 21.51 -13.24
C ASP A 18 -33.15 20.13 -12.95
N GLY A 19 -33.97 20.07 -11.89
CA GLY A 19 -34.68 18.86 -11.55
C GLY A 19 -33.87 17.81 -10.81
N VAL A 20 -32.63 18.10 -10.45
CA VAL A 20 -31.76 17.16 -9.77
C VAL A 20 -31.42 17.73 -8.40
N LYS A 21 -31.66 16.95 -7.36
CA LYS A 21 -31.40 17.39 -5.99
C LYS A 21 -29.94 17.12 -5.65
N LEU A 22 -29.14 18.19 -5.53
CA LEU A 22 -27.72 18.08 -5.21
C LEU A 22 -27.48 18.29 -3.73
N HIS A 23 -26.66 17.43 -3.13
CA HIS A 23 -26.25 17.61 -1.75
C HIS A 23 -24.97 18.44 -1.70
N TYR A 24 -24.86 19.31 -0.69
CA TYR A 24 -23.60 20.02 -0.50
C TYR A 24 -23.40 20.30 0.99
N VAL A 25 -22.16 20.65 1.33
CA VAL A 25 -21.82 21.13 2.66
C VAL A 25 -21.24 22.54 2.49
N LYS A 26 -21.67 23.46 3.35
CA LYS A 26 -21.40 24.88 3.16
C LYS A 26 -21.05 25.54 4.48
N GLY A 27 -20.09 26.48 4.44
CA GLY A 27 -19.77 27.27 5.61
C GLY A 27 -18.88 28.43 5.23
N GLY A 28 -18.73 29.36 6.18
CA GLY A 28 -17.84 30.49 5.96
C GLY A 28 -18.53 31.71 5.40
N GLN A 29 -17.71 32.74 5.20
CA GLN A 29 -18.15 34.05 4.73
C GLN A 29 -17.14 34.62 3.76
N GLY A 30 -17.61 35.42 2.81
CA GLY A 30 -16.74 36.01 1.81
C GLY A 30 -17.00 35.46 0.43
N PRO A 31 -16.09 35.73 -0.51
CA PRO A 31 -16.28 35.23 -1.88
C PRO A 31 -16.35 33.71 -1.88
N LEU A 32 -17.02 33.16 -2.89
CA LEU A 32 -17.33 31.75 -2.92
C LEU A 32 -16.20 30.92 -3.52
N VAL A 33 -15.91 29.78 -2.88
CA VAL A 33 -15.03 28.75 -3.43
CA VAL A 33 -15.05 28.76 -3.44
C VAL A 33 -15.83 27.45 -3.46
N MET A 34 -15.87 26.81 -4.62
CA MET A 34 -16.51 25.51 -4.78
C MET A 34 -15.42 24.45 -4.89
N LEU A 35 -15.53 23.39 -4.08
CA LEU A 35 -14.59 22.27 -4.06
C LEU A 35 -15.31 21.04 -4.60
N VAL A 36 -14.75 20.41 -5.64
CA VAL A 36 -15.43 19.32 -6.33
C VAL A 36 -14.58 18.05 -6.26
N HIS A 37 -15.13 17.02 -5.61
CA HIS A 37 -14.45 15.76 -5.34
C HIS A 37 -14.37 14.88 -6.59
N GLY A 38 -13.70 13.75 -6.43
CA GLY A 38 -13.52 12.78 -7.51
C GLY A 38 -14.02 11.38 -7.21
N PHE A 39 -13.61 10.42 -8.04
CA PHE A 39 -14.09 9.04 -7.94
C PHE A 39 -13.67 8.38 -6.64
N GLY A 40 -14.57 7.57 -6.09
CA GLY A 40 -14.32 6.84 -4.86
C GLY A 40 -14.58 7.65 -3.62
N GLN A 41 -14.90 8.92 -3.75
CA GLN A 41 -15.03 9.80 -2.59
C GLN A 41 -16.27 10.68 -2.76
N THR A 42 -16.38 11.65 -1.87
CA THR A 42 -17.52 12.57 -1.78
C THR A 42 -16.97 13.93 -1.35
N TRP A 43 -17.88 14.85 -0.99
CA TRP A 43 -17.49 16.13 -0.43
C TRP A 43 -16.49 15.98 0.71
N TYR A 44 -16.55 14.85 1.43
CA TYR A 44 -15.78 14.66 2.65
C TYR A 44 -14.29 14.70 2.43
N GLU A 45 -13.80 14.45 1.20
CA GLU A 45 -12.35 14.53 1.03
C GLU A 45 -11.83 15.92 1.35
N TRP A 46 -12.69 16.93 1.33
CA TRP A 46 -12.30 18.31 1.57
C TRP A 46 -12.44 18.73 3.03
N HIS A 47 -12.84 17.82 3.93
CA HIS A 47 -13.30 18.30 5.24
C HIS A 47 -12.20 18.88 6.11
N GLN A 48 -10.92 18.61 5.82
CA GLN A 48 -9.84 19.25 6.57
C GLN A 48 -9.45 20.60 6.00
N LEU A 49 -9.59 20.77 4.69
CA LEU A 49 -9.30 22.04 4.06
C LEU A 49 -10.41 23.06 4.28
N MET A 50 -11.66 22.58 4.33
CA MET A 50 -12.81 23.47 4.43
C MET A 50 -12.77 24.46 5.60
N PRO A 51 -12.48 24.05 6.84
CA PRO A 51 -12.46 25.04 7.93
C PRO A 51 -11.41 26.14 7.74
N GLU A 52 -10.29 25.83 7.11
CA GLU A 52 -9.25 26.84 6.91
C GLU A 52 -9.66 27.84 5.86
N LEU A 53 -10.23 27.36 4.76
CA LEU A 53 -10.75 28.24 3.72
C LEU A 53 -11.90 29.10 4.24
N ALA A 54 -12.74 28.54 5.12
CA ALA A 54 -13.91 29.28 5.59
C ALA A 54 -13.56 30.50 6.42
N LYS A 55 -12.30 30.66 6.84
CA LYS A 55 -11.90 31.87 7.55
C LYS A 55 -11.84 33.09 6.64
N ARG A 56 -11.76 32.87 5.33
CA ARG A 56 -11.68 33.95 4.35
C ARG A 56 -12.70 33.84 3.23
N PHE A 57 -13.36 32.70 3.07
CA PHE A 57 -14.23 32.45 1.91
C PHE A 57 -15.53 31.81 2.38
N THR A 58 -16.57 31.97 1.57
CA THR A 58 -17.71 31.06 1.65
C THR A 58 -17.33 29.80 0.88
N VAL A 59 -17.46 28.64 1.52
CA VAL A 59 -16.99 27.37 0.96
C VAL A 59 -18.20 26.47 0.73
N ILE A 60 -18.31 25.93 -0.49
CA ILE A 60 -19.34 24.93 -0.80
CA ILE A 60 -19.34 24.93 -0.80
C ILE A 60 -18.67 23.70 -1.40
N ALA A 61 -19.04 22.53 -0.90
CA ALA A 61 -18.51 21.27 -1.39
C ALA A 61 -19.68 20.37 -1.76
N PRO A 62 -20.02 20.27 -3.03
CA PRO A 62 -21.14 19.40 -3.45
C PRO A 62 -20.71 17.96 -3.65
N ASP A 63 -21.69 17.07 -3.53
CA ASP A 63 -21.54 15.71 -4.03
C ASP A 63 -21.89 15.68 -5.52
N LEU A 64 -21.03 15.05 -6.31
CA LEU A 64 -21.28 14.92 -7.75
C LEU A 64 -22.60 14.18 -7.98
N PRO A 65 -23.30 14.49 -9.07
CA PRO A 65 -24.57 13.79 -9.35
C PRO A 65 -24.41 12.29 -9.28
N GLY A 66 -25.29 11.65 -8.50
CA GLY A 66 -25.34 10.23 -8.34
C GLY A 66 -24.44 9.71 -7.24
N LEU A 67 -23.48 10.50 -6.79
CA LEU A 67 -22.52 10.12 -5.75
C LEU A 67 -22.88 10.81 -4.45
N GLY A 68 -22.33 10.29 -3.34
CA GLY A 68 -22.67 10.85 -2.05
C GLY A 68 -24.19 10.87 -1.88
N GLN A 69 -24.72 12.03 -1.47
CA GLN A 69 -26.15 12.16 -1.25
C GLN A 69 -26.84 12.97 -2.36
N SER A 70 -26.21 13.08 -3.54
CA SER A 70 -26.80 13.79 -4.67
C SER A 70 -27.54 12.81 -5.59
N GLU A 71 -28.67 13.28 -6.13
CA GLU A 71 -29.40 12.49 -7.12
C GLU A 71 -28.59 12.37 -8.43
N PRO A 72 -28.82 11.31 -9.20
CA PRO A 72 -28.18 11.18 -10.51
C PRO A 72 -28.61 12.30 -11.44
N PRO A 73 -27.80 12.60 -12.45
CA PRO A 73 -28.18 13.61 -13.43
C PRO A 73 -29.35 13.11 -14.25
N LYS A 74 -30.14 14.05 -14.75
CA LYS A 74 -31.24 13.71 -15.64
C LYS A 74 -30.84 13.78 -17.11
N THR A 75 -29.81 14.56 -17.44
CA THR A 75 -29.35 14.69 -18.82
C THR A 75 -28.38 13.55 -19.16
N GLY A 76 -27.23 13.54 -18.49
CA GLY A 76 -26.24 12.52 -18.74
C GLY A 76 -25.00 12.80 -17.92
N TYR A 77 -23.97 11.97 -18.14
CA TYR A 77 -22.77 11.98 -17.32
C TYR A 77 -21.55 12.54 -18.04
N SER A 78 -21.69 13.01 -19.29
CA SER A 78 -20.56 13.65 -19.93
C SER A 78 -20.19 14.94 -19.20
N GLY A 79 -18.96 15.38 -19.42
CA GLY A 79 -18.47 16.55 -18.70
C GLY A 79 -19.32 17.79 -18.93
N GLU A 80 -19.72 18.02 -20.19
CA GLU A 80 -20.49 19.22 -20.48
C GLU A 80 -21.87 19.16 -19.83
N GLN A 81 -22.46 17.96 -19.75
CA GLN A 81 -23.77 17.82 -19.10
C GLN A 81 -23.67 18.04 -17.60
N VAL A 82 -22.71 17.38 -16.95
CA VAL A 82 -22.63 17.50 -15.50
C VAL A 82 -22.20 18.90 -15.09
N ALA A 83 -21.36 19.56 -15.91
CA ALA A 83 -20.89 20.90 -15.56
C ALA A 83 -22.04 21.89 -15.46
N VAL A 84 -23.11 21.71 -16.24
CA VAL A 84 -24.25 22.62 -16.12
C VAL A 84 -24.77 22.62 -14.69
N TYR A 85 -24.90 21.44 -14.08
CA TYR A 85 -25.42 21.36 -12.73
C TYR A 85 -24.51 22.09 -11.74
N LEU A 86 -23.20 21.89 -11.87
CA LEU A 86 -22.28 22.49 -10.91
C LEU A 86 -22.17 24.00 -11.12
N HIS A 87 -22.22 24.46 -12.37
CA HIS A 87 -22.16 25.89 -12.62
C HIS A 87 -23.40 26.60 -12.07
N LYS A 88 -24.58 26.03 -12.33
CA LYS A 88 -25.80 26.64 -11.81
C LYS A 88 -25.84 26.62 -10.29
N LEU A 89 -25.35 25.54 -9.67
CA LEU A 89 -25.32 25.48 -8.21
C LEU A 89 -24.47 26.62 -7.65
N ALA A 90 -23.24 26.76 -8.13
CA ALA A 90 -22.36 27.82 -7.65
C ALA A 90 -22.99 29.19 -7.86
N ARG A 91 -23.62 29.40 -9.02
CA ARG A 91 -24.18 30.71 -9.32
C ARG A 91 -25.41 31.04 -8.49
N GLN A 92 -26.05 30.04 -7.87
CA GLN A 92 -27.13 30.35 -6.93
CA GLN A 92 -27.13 30.34 -6.92
C GLN A 92 -26.60 31.07 -5.70
N PHE A 93 -25.38 30.75 -5.29
CA PHE A 93 -24.77 31.37 -4.11
C PHE A 93 -23.84 32.52 -4.45
N SER A 94 -23.42 32.65 -5.71
CA SER A 94 -22.59 33.76 -6.17
C SER A 94 -23.13 34.28 -7.49
N PRO A 95 -24.34 34.86 -7.48
CA PRO A 95 -24.96 35.26 -8.75
C PRO A 95 -24.33 36.49 -9.39
N ASP A 96 -23.64 37.33 -8.62
CA ASP A 96 -23.18 38.63 -9.10
C ASP A 96 -21.67 38.79 -9.05
N ARG A 97 -20.92 37.73 -8.74
CA ARG A 97 -19.47 37.83 -8.62
C ARG A 97 -18.88 36.52 -9.08
N PRO A 98 -17.68 36.54 -9.66
CA PRO A 98 -17.01 35.27 -9.98
C PRO A 98 -16.65 34.52 -8.71
N PHE A 99 -16.52 33.20 -8.87
CA PHE A 99 -16.18 32.33 -7.75
C PHE A 99 -14.91 31.54 -8.08
N ASP A 100 -14.32 30.95 -7.05
CA ASP A 100 -13.13 30.12 -7.21
C ASP A 100 -13.53 28.65 -7.31
N LEU A 101 -12.66 27.86 -7.95
CA LEU A 101 -12.96 26.45 -8.17
C LEU A 101 -11.73 25.61 -7.85
N VAL A 102 -11.92 24.57 -7.04
CA VAL A 102 -10.91 23.54 -6.78
C VAL A 102 -11.54 22.21 -7.15
N ALA A 103 -10.83 21.40 -7.95
CA ALA A 103 -11.38 20.12 -8.38
C ALA A 103 -10.31 19.03 -8.40
N HIS A 104 -10.72 17.82 -8.06
CA HIS A 104 -9.86 16.65 -7.91
C HIS A 104 -10.40 15.52 -8.79
N ASP A 105 -9.53 14.90 -9.59
CA ASP A 105 -9.88 13.69 -10.33
C ASP A 105 -11.05 13.99 -11.27
N ILE A 106 -12.13 13.19 -11.27
CA ILE A 106 -13.21 13.45 -12.22
C ILE A 106 -13.94 14.75 -11.91
N GLY A 107 -13.67 15.38 -10.76
CA GLY A 107 -14.12 16.76 -10.58
C GLY A 107 -13.63 17.67 -11.68
N ILE A 108 -12.44 17.39 -12.23
CA ILE A 108 -11.93 18.14 -13.37
C ILE A 108 -12.81 17.93 -14.59
N TRP A 109 -13.11 16.65 -14.88
CA TRP A 109 -13.92 16.33 -16.06
C TRP A 109 -15.26 17.04 -16.00
N ASN A 110 -15.82 17.15 -14.81
CA ASN A 110 -17.17 17.65 -14.61
C ASN A 110 -17.22 19.15 -14.40
N THR A 111 -16.09 19.84 -14.45
CA THR A 111 -16.06 21.29 -14.35
C THR A 111 -15.41 22.00 -15.52
N TYR A 112 -14.45 21.37 -16.21
CA TYR A 112 -13.75 22.07 -17.29
C TYR A 112 -14.70 22.71 -18.30
N PRO A 113 -15.76 22.03 -18.78
CA PRO A 113 -16.64 22.70 -19.77
C PRO A 113 -17.29 23.97 -19.24
N MET A 114 -17.68 24.02 -17.97
CA MET A 114 -18.32 25.25 -17.56
C MET A 114 -17.30 26.35 -17.28
N VAL A 115 -16.04 26.00 -17.00
CA VAL A 115 -15.00 27.01 -16.88
C VAL A 115 -14.74 27.67 -18.23
N VAL A 116 -14.54 26.87 -19.27
CA VAL A 116 -14.21 27.43 -20.57
C VAL A 116 -15.39 28.17 -21.18
N LYS A 117 -16.62 27.75 -20.89
CA LYS A 117 -17.79 28.40 -21.45
C LYS A 117 -18.26 29.60 -20.64
N ASN A 118 -17.80 29.76 -19.40
CA ASN A 118 -18.22 30.88 -18.56
C ASN A 118 -17.00 31.47 -17.84
N GLN A 119 -15.98 31.85 -18.62
CA GLN A 119 -14.70 32.22 -18.01
C GLN A 119 -14.82 33.40 -17.06
N ALA A 120 -15.71 34.35 -17.37
CA ALA A 120 -15.88 35.52 -16.49
C ALA A 120 -16.44 35.15 -15.11
N ASP A 121 -17.03 33.96 -14.97
CA ASP A 121 -17.58 33.52 -13.69
C ASP A 121 -16.55 32.85 -12.79
N ILE A 122 -15.35 32.56 -13.30
CA ILE A 122 -14.32 31.80 -12.57
C ILE A 122 -13.16 32.74 -12.27
N ALA A 123 -12.99 33.08 -10.99
CA ALA A 123 -11.90 33.99 -10.63
C ALA A 123 -10.55 33.30 -10.66
N ARG A 124 -10.43 32.16 -9.98
CA ARG A 124 -9.19 31.40 -9.87
C ARG A 124 -9.53 29.92 -9.87
N LEU A 125 -8.60 29.10 -10.37
CA LEU A 125 -8.85 27.69 -10.66
CA LEU A 125 -8.85 27.69 -10.66
C LEU A 125 -7.70 26.84 -10.12
N VAL A 126 -8.04 25.76 -9.41
CA VAL A 126 -7.05 24.78 -8.96
C VAL A 126 -7.51 23.40 -9.39
N TYR A 127 -6.69 22.71 -10.17
CA TYR A 127 -6.99 21.35 -10.63
C TYR A 127 -5.93 20.37 -10.13
N MET A 128 -6.35 19.19 -9.69
CA MET A 128 -5.38 18.22 -9.21
C MET A 128 -5.72 16.79 -9.60
N GLN A 129 -4.69 16.06 -10.04
CA GLN A 129 -4.71 14.59 -10.14
C GLN A 129 -5.81 14.05 -11.07
N ALA A 130 -5.77 14.50 -12.31
CA ALA A 130 -6.47 13.81 -13.40
C ALA A 130 -6.20 14.51 -14.72
N PRO A 131 -6.16 13.78 -15.83
CA PRO A 131 -6.15 14.45 -17.13
C PRO A 131 -7.48 15.12 -17.41
N ILE A 132 -7.43 16.32 -17.97
CA ILE A 132 -8.60 16.83 -18.70
C ILE A 132 -8.89 15.86 -19.82
N PRO A 133 -10.14 15.46 -20.07
CA PRO A 133 -10.39 14.49 -21.14
C PRO A 133 -10.01 15.03 -22.51
N ASP A 134 -8.98 14.43 -23.12
CA ASP A 134 -8.57 14.75 -24.48
C ASP A 134 -7.79 13.55 -25.02
N ALA A 135 -7.24 13.71 -26.23
CA ALA A 135 -6.57 12.60 -26.88
C ALA A 135 -5.36 12.07 -26.11
N ARG A 136 -4.82 12.86 -25.18
CA ARG A 136 -3.68 12.37 -24.40
C ARG A 136 -4.03 11.14 -23.57
N ILE A 137 -5.31 10.95 -23.25
CA ILE A 137 -5.64 9.80 -22.42
CA ILE A 137 -5.75 9.81 -22.45
C ILE A 137 -5.47 8.49 -23.17
N TYR A 138 -5.48 8.53 -24.50
CA TYR A 138 -5.26 7.33 -25.28
C TYR A 138 -3.79 6.93 -25.35
N ARG A 139 -2.89 7.74 -24.77
CA ARG A 139 -1.47 7.44 -24.79
C ARG A 139 -0.95 6.80 -23.51
N PHE A 140 -1.77 6.74 -22.47
CA PHE A 140 -1.37 6.07 -21.25
C PHE A 140 -1.28 4.56 -21.48
N PRO A 141 -0.32 3.88 -20.86
CA PRO A 141 -0.13 2.44 -21.10
C PRO A 141 -1.10 1.58 -20.29
N ALA A 142 -1.42 0.43 -20.88
CA ALA A 142 -2.24 -0.56 -20.19
C ALA A 142 -1.47 -1.28 -19.09
N PHE A 143 -0.15 -1.40 -19.24
CA PHE A 143 0.65 -2.24 -18.36
C PHE A 143 2.07 -1.68 -18.30
N THR A 144 2.64 -1.61 -17.11
CA THR A 144 3.95 -0.98 -16.93
C THR A 144 4.97 -1.97 -16.41
N ALA A 145 6.25 -1.66 -16.69
N ALA A 145 6.25 -1.63 -16.61
CA ALA A 145 7.34 -2.53 -16.28
CA ALA A 145 7.33 -2.47 -16.12
C ALA A 145 7.62 -2.40 -14.78
C ALA A 145 7.31 -2.61 -14.61
N GLN A 146 7.41 -1.20 -14.25
N GLN A 146 6.53 -1.79 -13.90
CA GLN A 146 7.58 -0.91 -12.84
CA GLN A 146 6.24 -2.00 -12.48
C GLN A 146 6.31 -0.23 -12.34
C GLN A 146 4.95 -2.79 -12.28
N GLY A 147 6.01 -0.46 -11.07
N GLY A 147 4.01 -2.71 -13.24
CA GLY A 147 4.79 0.11 -10.54
CA GLY A 147 2.79 -3.50 -13.28
C GLY A 147 3.57 -0.49 -11.21
C GLY A 147 1.50 -2.74 -13.53
N GLU A 148 2.54 0.34 -11.37
N GLU A 148 0.71 -2.56 -12.47
CA GLU A 148 1.28 -0.09 -11.94
CA GLU A 148 -0.52 -1.78 -12.57
C GLU A 148 0.74 1.00 -12.86
C GLU A 148 -0.21 -0.40 -13.15
N SER A 149 0.20 0.57 -14.00
N SER A 149 -0.93 -0.03 -14.21
CA SER A 149 -0.58 1.45 -14.86
CA SER A 149 -0.82 1.30 -14.78
C SER A 149 -1.61 2.25 -14.07
C SER A 149 -1.77 2.26 -14.07
N LEU A 150 -1.58 3.57 -14.28
CA LEU A 150 -2.42 4.50 -13.55
C LEU A 150 -3.88 4.44 -13.99
N VAL A 151 -4.14 4.20 -15.28
CA VAL A 151 -5.50 4.38 -15.75
C VAL A 151 -6.07 3.18 -16.51
N TRP A 152 -5.53 1.99 -16.27
CA TRP A 152 -6.20 0.81 -16.84
C TRP A 152 -7.66 0.72 -16.39
N HIS A 153 -8.00 1.31 -15.22
CA HIS A 153 -9.37 1.28 -14.76
C HIS A 153 -10.31 2.05 -15.68
N PHE A 154 -9.79 2.95 -16.53
CA PHE A 154 -10.67 3.59 -17.51
C PHE A 154 -11.40 2.55 -18.35
N SER A 155 -10.68 1.55 -18.86
CA SER A 155 -11.29 0.51 -19.67
C SER A 155 -12.23 -0.36 -18.85
N PHE A 156 -11.81 -0.73 -17.64
CA PHE A 156 -12.64 -1.56 -16.77
C PHE A 156 -13.98 -0.88 -16.49
N PHE A 157 -13.92 0.40 -16.10
CA PHE A 157 -15.13 1.10 -15.70
C PHE A 157 -16.01 1.45 -16.91
N ALA A 158 -15.42 1.66 -18.07
CA ALA A 158 -16.17 2.01 -19.27
C ALA A 158 -16.70 0.80 -20.04
N ALA A 159 -16.29 -0.42 -19.68
CA ALA A 159 -16.69 -1.61 -20.42
C ALA A 159 -18.21 -1.80 -20.39
N ASP A 160 -18.73 -2.37 -21.49
CA ASP A 160 -20.19 -2.53 -21.55
CA ASP A 160 -20.15 -2.65 -21.67
C ASP A 160 -20.61 -3.74 -20.72
N ASP A 161 -21.89 -4.10 -20.82
CA ASP A 161 -22.50 -5.19 -20.03
C ASP A 161 -22.44 -4.92 -18.54
N ARG A 162 -22.30 -3.66 -18.13
CA ARG A 162 -22.19 -3.31 -16.71
C ARG A 162 -21.13 -4.18 -16.04
N LEU A 163 -20.02 -4.39 -16.74
CA LEU A 163 -18.97 -5.28 -16.25
C LEU A 163 -18.52 -4.92 -14.84
N ALA A 164 -18.14 -3.66 -14.62
CA ALA A 164 -17.56 -3.29 -13.32
C ALA A 164 -18.60 -3.37 -12.21
N GLU A 165 -19.81 -2.86 -12.44
CA GLU A 165 -20.84 -2.95 -11.41
CA GLU A 165 -20.85 -2.95 -11.44
C GLU A 165 -21.16 -4.40 -11.07
N THR A 166 -21.21 -5.27 -12.08
CA THR A 166 -21.59 -6.65 -11.83
C THR A 166 -20.53 -7.39 -11.02
N LEU A 167 -19.26 -7.10 -11.30
CA LEU A 167 -18.17 -7.75 -10.57
C LEU A 167 -18.01 -7.16 -9.18
N ILE A 168 -18.22 -5.86 -9.02
CA ILE A 168 -17.93 -5.20 -7.75
C ILE A 168 -19.10 -5.22 -6.77
N ALA A 169 -20.34 -5.39 -7.25
CA ALA A 169 -21.48 -5.47 -6.34
C ALA A 169 -21.26 -6.57 -5.29
N GLY A 170 -21.48 -6.21 -4.02
CA GLY A 170 -21.24 -7.11 -2.92
C GLY A 170 -19.81 -7.18 -2.45
N LYS A 171 -18.88 -6.55 -3.18
CA LYS A 171 -17.47 -6.51 -2.85
C LYS A 171 -16.95 -5.08 -2.84
N GLU A 172 -17.84 -4.11 -2.57
CA GLU A 172 -17.51 -2.70 -2.75
C GLU A 172 -16.45 -2.24 -1.75
N ARG A 173 -16.56 -2.71 -0.50
CA ARG A 173 -15.59 -2.32 0.52
C ARG A 173 -14.21 -2.87 0.21
N PHE A 174 -14.14 -4.12 -0.25
CA PHE A 174 -12.87 -4.69 -0.69
C PHE A 174 -12.29 -3.92 -1.87
N PHE A 175 -13.11 -3.68 -2.89
CA PHE A 175 -12.58 -3.05 -4.10
C PHE A 175 -12.07 -1.64 -3.79
N LEU A 176 -12.82 -0.87 -3.00
CA LEU A 176 -12.42 0.51 -2.81
C LEU A 176 -11.13 0.60 -2.00
N GLU A 177 -10.93 -0.29 -1.02
CA GLU A 177 -9.66 -0.27 -0.30
C GLU A 177 -8.51 -0.58 -1.25
N HIS A 178 -8.69 -1.55 -2.14
CA HIS A 178 -7.63 -1.84 -3.10
C HIS A 178 -7.39 -0.66 -4.03
N PHE A 179 -8.46 -0.08 -4.58
CA PHE A 179 -8.30 1.02 -5.52
C PHE A 179 -7.61 2.20 -4.87
N ILE A 180 -8.06 2.58 -3.69
CA ILE A 180 -7.48 3.76 -3.04
C ILE A 180 -6.01 3.50 -2.71
N LYS A 181 -5.72 2.37 -2.05
CA LYS A 181 -4.34 2.15 -1.63
C LYS A 181 -3.41 1.94 -2.82
N SER A 182 -3.89 1.32 -3.90
CA SER A 182 -3.05 1.11 -5.08
CA SER A 182 -3.05 1.12 -5.07
C SER A 182 -2.70 2.42 -5.77
N HIS A 183 -3.48 3.49 -5.54
CA HIS A 183 -3.20 4.80 -6.11
C HIS A 183 -2.60 5.76 -5.08
N ALA A 184 -2.10 5.25 -3.95
CA ALA A 184 -1.56 6.07 -2.88
C ALA A 184 -0.08 5.82 -2.68
N SER A 185 0.61 6.86 -2.19
CA SER A 185 1.96 6.75 -1.64
C SER A 185 1.93 6.59 -0.12
N ASN A 186 1.16 7.44 0.54
CA ASN A 186 1.01 7.40 2.00
CA ASN A 186 1.01 7.40 2.00
C ASN A 186 -0.28 6.65 2.32
N THR A 187 -0.19 5.32 2.25
CA THR A 187 -1.40 4.51 2.42
C THR A 187 -1.94 4.55 3.84
N GLU A 188 -1.09 4.90 4.81
CA GLU A 188 -1.47 4.77 6.21
CA GLU A 188 -1.46 4.78 6.22
C GLU A 188 -2.62 5.69 6.60
N VAL A 189 -2.89 6.76 5.83
CA VAL A 189 -3.99 7.66 6.18
C VAL A 189 -5.34 7.04 5.91
N PHE A 190 -5.39 5.94 5.18
CA PHE A 190 -6.67 5.29 4.87
C PHE A 190 -6.92 4.20 5.92
N SER A 191 -7.36 4.66 7.08
CA SER A 191 -7.77 3.77 8.14
C SER A 191 -8.98 2.95 7.70
N GLU A 192 -9.15 1.81 8.39
CA GLU A 192 -10.33 0.98 8.14
C GLU A 192 -11.61 1.78 8.39
N ARG A 193 -11.58 2.66 9.40
CA ARG A 193 -12.74 3.49 9.71
C ARG A 193 -13.08 4.44 8.56
N LEU A 194 -12.07 5.10 8.00
CA LEU A 194 -12.31 6.04 6.89
C LEU A 194 -12.77 5.28 5.64
N LEU A 195 -12.16 4.14 5.37
CA LEU A 195 -12.58 3.34 4.23
C LEU A 195 -14.01 2.85 4.39
N ASP A 196 -14.41 2.48 5.62
CA ASP A 196 -15.80 2.11 5.86
C ASP A 196 -16.75 3.22 5.45
N LEU A 197 -16.42 4.48 5.79
CA LEU A 197 -17.28 5.60 5.45
C LEU A 197 -17.43 5.77 3.95
N TYR A 198 -16.30 5.82 3.23
CA TYR A 198 -16.40 5.99 1.78
C TYR A 198 -17.09 4.80 1.13
N ALA A 199 -16.82 3.58 1.60
CA ALA A 199 -17.37 2.41 0.94
C ALA A 199 -18.89 2.36 1.11
N ARG A 200 -19.41 2.72 2.28
CA ARG A 200 -20.86 2.68 2.49
C ARG A 200 -21.56 3.64 1.54
N SER A 201 -20.92 4.77 1.22
CA SER A 201 -21.55 5.73 0.33
C SER A 201 -21.57 5.21 -1.10
N TYR A 202 -20.43 4.78 -1.63
CA TYR A 202 -20.46 4.42 -3.04
C TYR A 202 -21.06 3.03 -3.29
N ALA A 203 -21.32 2.25 -2.24
CA ALA A 203 -21.98 0.96 -2.40
C ALA A 203 -23.49 1.07 -2.59
N LYS A 204 -24.09 2.24 -2.32
CA LYS A 204 -25.49 2.43 -2.69
C LYS A 204 -25.62 2.05 -4.16
N PRO A 205 -26.56 1.19 -4.53
CA PRO A 205 -26.58 0.70 -5.92
C PRO A 205 -26.57 1.81 -6.96
N HIS A 206 -27.35 2.88 -6.77
CA HIS A 206 -27.34 3.93 -7.77
C HIS A 206 -26.02 4.68 -7.79
N SER A 207 -25.29 4.71 -6.67
CA SER A 207 -24.00 5.40 -6.66
C SER A 207 -22.90 4.55 -7.27
N LEU A 208 -22.96 3.23 -7.08
CA LEU A 208 -22.01 2.36 -7.75
C LEU A 208 -22.15 2.49 -9.27
N ASN A 209 -23.38 2.46 -9.75
CA ASN A 209 -23.60 2.64 -11.18
C ASN A 209 -23.20 4.04 -11.65
N ALA A 210 -23.61 5.07 -10.91
CA ALA A 210 -23.24 6.43 -11.31
C ALA A 210 -21.73 6.58 -11.42
N SER A 211 -20.98 6.00 -10.47
CA SER A 211 -19.52 6.09 -10.48
C SER A 211 -18.97 5.70 -11.85
N PHE A 212 -19.47 4.62 -12.42
CA PHE A 212 -18.92 4.12 -13.66
C PHE A 212 -19.52 4.79 -14.89
N GLU A 213 -20.69 5.40 -14.76
CA GLU A 213 -21.26 6.14 -15.88
C GLU A 213 -20.39 7.32 -16.28
N TYR A 214 -19.66 7.92 -15.32
CA TYR A 214 -18.72 8.98 -15.67
C TYR A 214 -17.66 8.47 -16.64
N TYR A 215 -17.22 7.22 -16.46
CA TYR A 215 -16.21 6.63 -17.35
C TYR A 215 -16.82 6.18 -18.66
N ARG A 216 -18.06 5.68 -18.64
CA ARG A 216 -18.76 5.36 -19.87
C ARG A 216 -18.99 6.58 -20.75
N ALA A 217 -18.99 7.78 -20.17
CA ALA A 217 -19.14 9.02 -20.93
C ALA A 217 -17.82 9.67 -21.28
N LEU A 218 -16.69 9.05 -20.90
CA LEU A 218 -15.39 9.71 -21.05
C LEU A 218 -15.06 10.01 -22.51
N ASN A 219 -15.35 9.08 -23.43
CA ASN A 219 -15.04 9.37 -24.83
C ASN A 219 -15.92 10.48 -25.38
N GLU A 220 -17.18 10.55 -24.94
CA GLU A 220 -18.00 11.69 -25.30
C GLU A 220 -17.41 12.99 -24.76
N SER A 221 -16.90 12.96 -23.53
CA SER A 221 -16.27 14.14 -22.94
C SER A 221 -15.04 14.55 -23.75
N VAL A 222 -14.22 13.59 -24.20
CA VAL A 222 -13.09 13.91 -25.07
C VAL A 222 -13.59 14.64 -26.32
N ARG A 223 -14.65 14.13 -26.95
CA ARG A 223 -15.14 14.73 -28.18
C ARG A 223 -15.67 16.14 -27.92
N GLN A 224 -16.35 16.34 -26.78
CA GLN A 224 -16.80 17.68 -26.41
C GLN A 224 -15.63 18.63 -26.25
N ASN A 225 -14.59 18.19 -25.55
CA ASN A 225 -13.50 19.09 -25.21
C ASN A 225 -12.64 19.42 -26.42
N ALA A 226 -12.66 18.57 -27.46
CA ALA A 226 -11.92 18.90 -28.68
C ALA A 226 -12.41 20.21 -29.30
N GLU A 227 -13.71 20.48 -29.17
CA GLU A 227 -14.24 21.76 -29.63
C GLU A 227 -14.01 22.86 -28.61
N LEU A 228 -14.24 22.59 -27.33
CA LEU A 228 -14.14 23.63 -26.32
C LEU A 228 -12.71 24.16 -26.20
N ALA A 229 -11.71 23.29 -26.34
CA ALA A 229 -10.33 23.68 -26.11
C ALA A 229 -9.77 24.62 -27.18
N LYS A 230 -10.56 24.99 -28.19
CA LYS A 230 -10.12 26.00 -29.13
C LYS A 230 -10.01 27.38 -28.51
N THR A 231 -10.54 27.57 -27.30
CA THR A 231 -10.37 28.80 -26.52
C THR A 231 -9.57 28.45 -25.27
N ARG A 232 -8.43 29.10 -25.09
CA ARG A 232 -7.62 28.89 -23.90
C ARG A 232 -8.23 29.57 -22.68
N LEU A 233 -7.96 29.01 -21.50
CA LEU A 233 -8.40 29.59 -20.24
C LEU A 233 -7.53 30.79 -19.88
N GLN A 234 -8.18 31.86 -19.41
CA GLN A 234 -7.48 33.12 -19.18
C GLN A 234 -7.28 33.47 -17.71
N MET A 235 -7.92 32.76 -16.79
CA MET A 235 -7.84 33.14 -15.38
C MET A 235 -6.65 32.44 -14.71
N PRO A 236 -6.20 32.95 -13.57
CA PRO A 236 -5.08 32.28 -12.87
C PRO A 236 -5.42 30.85 -12.51
N THR A 237 -4.50 29.94 -12.84
CA THR A 237 -4.68 28.50 -12.63
CA THR A 237 -4.71 28.53 -12.55
C THR A 237 -3.47 27.93 -11.90
N MET A 238 -3.73 26.94 -11.05
CA MET A 238 -2.69 26.17 -10.38
C MET A 238 -3.02 24.69 -10.53
N THR A 239 -2.01 23.89 -10.86
CA THR A 239 -2.17 22.44 -10.88
C THR A 239 -1.36 21.83 -9.74
N LEU A 240 -1.92 20.77 -9.15
CA LEU A 240 -1.20 19.96 -8.18
C LEU A 240 -1.23 18.49 -8.61
N ALA A 241 -0.13 17.81 -8.35
CA ALA A 241 0.00 16.40 -8.66
C ALA A 241 0.89 15.77 -7.60
N GLY A 242 0.64 14.49 -7.33
CA GLY A 242 1.56 13.72 -6.53
C GLY A 242 2.78 13.28 -7.31
N GLY A 243 3.92 13.22 -6.62
CA GLY A 243 5.14 12.70 -7.21
C GLY A 243 5.44 11.26 -6.82
N GLY A 244 4.67 10.72 -5.88
CA GLY A 244 4.82 9.36 -5.43
C GLY A 244 3.94 8.39 -6.19
N HIS A 245 3.87 7.18 -5.66
CA HIS A 245 3.06 6.12 -6.25
C HIS A 245 1.61 6.57 -6.41
N GLY A 246 1.08 6.45 -7.64
CA GLY A 246 -0.26 6.90 -7.96
C GLY A 246 -0.35 8.34 -8.42
N GLY A 247 0.76 9.08 -8.37
CA GLY A 247 0.72 10.48 -8.77
C GLY A 247 0.82 10.64 -10.27
N MET A 248 0.25 11.75 -10.76
CA MET A 248 0.37 12.12 -12.17
C MET A 248 1.72 12.72 -12.52
N GLY A 249 2.51 13.14 -11.53
CA GLY A 249 3.81 13.70 -11.82
C GLY A 249 3.71 14.93 -12.69
N THR A 250 4.65 15.05 -13.62
CA THR A 250 4.73 16.25 -14.44
C THR A 250 3.60 16.33 -15.47
N PHE A 251 2.85 15.26 -15.69
CA PHE A 251 1.79 15.28 -16.71
C PHE A 251 0.78 16.37 -16.42
N GLN A 252 0.43 16.57 -15.15
CA GLN A 252 -0.66 17.48 -14.82
C GLN A 252 -0.38 18.89 -15.33
N LEU A 253 0.81 19.41 -15.02
CA LEU A 253 1.15 20.76 -15.48
C LEU A 253 1.39 20.80 -16.98
N GLU A 254 2.06 19.79 -17.52
CA GLU A 254 2.39 19.82 -18.95
C GLU A 254 1.12 19.82 -19.81
N GLN A 255 0.10 19.06 -19.41
CA GLN A 255 -1.16 19.12 -20.15
C GLN A 255 -1.84 20.48 -19.95
N MET A 256 -1.83 20.99 -18.72
CA MET A 256 -2.55 22.24 -18.44
C MET A 256 -1.96 23.42 -19.21
N LYS A 257 -0.66 23.39 -19.51
CA LYS A 257 -0.07 24.47 -20.30
C LYS A 257 -0.72 24.59 -21.68
N ALA A 258 -1.27 23.49 -22.22
CA ALA A 258 -1.97 23.57 -23.49
C ALA A 258 -3.35 24.17 -23.36
N TYR A 259 -3.87 24.31 -22.15
CA TYR A 259 -5.22 24.79 -21.90
C TYR A 259 -5.29 26.17 -21.27
N ALA A 260 -4.24 26.63 -20.62
CA ALA A 260 -4.29 27.82 -19.78
C ALA A 260 -3.14 28.76 -20.09
N GLU A 261 -3.43 30.06 -20.14
CA GLU A 261 -2.41 31.06 -20.36
C GLU A 261 -1.58 31.33 -19.12
N ASP A 262 -2.20 31.26 -17.94
CA ASP A 262 -1.61 31.65 -16.66
C ASP A 262 -1.68 30.43 -15.75
N VAL A 263 -0.60 29.64 -15.68
CA VAL A 263 -0.63 28.42 -14.90
C VAL A 263 0.69 28.23 -14.17
N GLU A 264 0.60 27.81 -12.91
CA GLU A 264 1.73 27.34 -12.15
C GLU A 264 1.41 25.94 -11.64
N GLY A 265 2.43 25.11 -11.51
CA GLY A 265 2.22 23.72 -11.13
C GLY A 265 3.16 23.29 -10.04
N HIS A 266 2.70 22.33 -9.24
CA HIS A 266 3.49 21.72 -8.18
C HIS A 266 3.33 20.21 -8.22
N VAL A 267 4.45 19.52 -8.02
CA VAL A 267 4.47 18.09 -7.79
C VAL A 267 4.87 17.88 -6.33
N LEU A 268 4.04 17.17 -5.58
CA LEU A 268 4.26 16.98 -4.15
C LEU A 268 4.97 15.66 -3.91
N PRO A 269 6.21 15.66 -3.43
CA PRO A 269 6.94 14.39 -3.25
C PRO A 269 6.32 13.53 -2.16
N GLY A 270 6.41 12.22 -2.36
CA GLY A 270 5.92 11.31 -1.34
C GLY A 270 4.41 11.27 -1.22
N CYS A 271 3.71 11.74 -2.25
CA CYS A 271 2.26 11.85 -2.25
C CYS A 271 1.75 11.23 -3.53
N GLY A 272 0.66 10.49 -3.42
CA GLY A 272 0.07 9.83 -4.58
C GLY A 272 -1.13 10.56 -5.13
N HIS A 273 -2.23 9.82 -5.32
CA HIS A 273 -3.42 10.41 -5.92
C HIS A 273 -4.23 11.25 -4.93
N TRP A 274 -4.28 10.85 -3.67
CA TRP A 274 -5.27 11.36 -2.73
C TRP A 274 -4.70 12.53 -1.92
N LEU A 275 -4.38 13.62 -2.62
CA LEU A 275 -3.59 14.68 -2.00
C LEU A 275 -4.22 15.26 -0.74
N PRO A 276 -5.53 15.52 -0.66
CA PRO A 276 -6.05 16.14 0.58
C PRO A 276 -5.85 15.30 1.81
N GLU A 277 -5.76 13.98 1.66
CA GLU A 277 -5.61 13.07 2.79
C GLU A 277 -4.18 12.61 2.99
N GLU A 278 -3.46 12.34 1.89
CA GLU A 278 -2.08 11.86 1.98
C GLU A 278 -1.12 12.97 2.39
N CYS A 279 -1.39 14.19 1.95
CA CYS A 279 -0.43 15.28 2.11
C CYS A 279 -1.20 16.57 2.43
N ALA A 280 -1.99 16.50 3.51
CA ALA A 280 -2.89 17.57 3.89
C ALA A 280 -2.17 18.89 4.13
N ALA A 281 -1.10 18.88 4.94
CA ALA A 281 -0.45 20.14 5.27
C ALA A 281 0.09 20.85 4.04
N PRO A 282 0.93 20.24 3.19
CA PRO A 282 1.42 21.01 2.04
C PRO A 282 0.34 21.31 1.03
N MET A 283 -0.60 20.40 0.79
CA MET A 283 -1.64 20.68 -0.19
C MET A 283 -2.54 21.82 0.27
N ASN A 284 -2.97 21.78 1.53
CA ASN A 284 -3.83 22.85 2.03
C ASN A 284 -3.13 24.19 1.94
N ARG A 285 -1.84 24.22 2.28
CA ARG A 285 -1.10 25.48 2.24
C ARG A 285 -1.05 26.03 0.82
N LEU A 286 -0.76 25.16 -0.16
CA LEU A 286 -0.66 25.62 -1.54
C LEU A 286 -1.98 26.18 -2.01
N VAL A 287 -3.09 25.51 -1.67
CA VAL A 287 -4.40 25.98 -2.12
C VAL A 287 -4.77 27.29 -1.42
N ILE A 288 -4.60 27.36 -0.10
CA ILE A 288 -4.98 28.58 0.63
C ILE A 288 -4.18 29.78 0.12
N ASP A 289 -2.87 29.60 -0.05
CA ASP A 289 -2.04 30.71 -0.53
C ASP A 289 -2.44 31.14 -1.93
N PHE A 290 -2.69 30.17 -2.83
CA PHE A 290 -3.01 30.54 -4.20
C PHE A 290 -4.35 31.27 -4.28
N LEU A 291 -5.35 30.80 -3.53
CA LEU A 291 -6.65 31.48 -3.56
C LEU A 291 -6.61 32.83 -2.84
N SER A 292 -5.70 33.00 -1.88
CA SER A 292 -5.64 34.23 -1.11
C SER A 292 -4.90 35.34 -1.84
N ARG A 293 -4.33 35.06 -3.01
CA ARG A 293 -3.79 36.14 -3.85
C ARG A 293 -4.92 37.05 -4.32
N GLY A 294 -6.06 36.47 -4.70
CA GLY A 294 -7.24 37.25 -4.99
C GLY A 294 -7.90 37.77 -3.72
N ARG A 295 -8.93 38.59 -3.90
CA ARG A 295 -9.59 39.19 -2.74
C ARG A 295 -10.35 38.14 -1.96
N HIS A 296 -10.34 38.30 -0.63
CA HIS A 296 -10.97 37.35 0.27
C HIS A 296 -11.34 38.08 1.55
N HIS A 297 -12.15 37.41 2.36
CA HIS A 297 -12.56 37.96 3.65
C HIS A 297 -11.45 37.81 4.68
N ALA B 1 -14.38 -38.60 -14.69
CA ALA B 1 -15.06 -37.59 -15.49
C ALA B 1 -14.07 -36.69 -16.22
N GLU B 2 -14.55 -36.05 -17.28
CA GLU B 2 -13.75 -35.16 -18.10
C GLU B 2 -14.43 -33.80 -18.18
N GLU B 3 -13.63 -32.74 -18.11
CA GLU B 3 -14.19 -31.40 -18.23
C GLU B 3 -14.68 -31.12 -19.64
N PHE B 4 -14.08 -31.76 -20.65
CA PHE B 4 -14.43 -31.52 -22.04
C PHE B 4 -14.46 -32.83 -22.81
N PRO B 5 -15.30 -32.94 -23.84
CA PRO B 5 -15.42 -34.23 -24.55
C PRO B 5 -14.18 -34.54 -25.39
N VAL B 6 -13.68 -35.76 -25.25
CA VAL B 6 -12.48 -36.20 -25.96
C VAL B 6 -12.86 -36.69 -27.34
N PRO B 7 -12.19 -36.25 -28.41
CA PRO B 7 -12.53 -36.72 -29.76
C PRO B 7 -12.27 -38.21 -29.90
N ASN B 8 -13.06 -38.85 -30.76
CA ASN B 8 -12.88 -40.28 -31.01
CA ASN B 8 -12.88 -40.27 -31.02
C ASN B 8 -11.46 -40.55 -31.48
N GLY B 9 -10.88 -41.64 -30.99
CA GLY B 9 -9.52 -42.00 -31.33
C GLY B 9 -8.46 -41.34 -30.48
N PHE B 10 -8.83 -40.46 -29.57
CA PHE B 10 -7.89 -39.81 -28.68
C PHE B 10 -8.06 -40.35 -27.25
N GLU B 11 -7.00 -40.20 -26.46
CA GLU B 11 -7.04 -40.60 -25.05
C GLU B 11 -6.75 -39.39 -24.16
N SER B 12 -7.42 -39.37 -23.01
CA SER B 12 -7.14 -38.41 -21.95
C SER B 12 -6.27 -39.13 -20.91
N ALA B 13 -5.14 -38.52 -20.55
CA ALA B 13 -4.19 -39.19 -19.68
C ALA B 13 -3.39 -38.15 -18.91
N TYR B 14 -2.49 -38.64 -18.06
CA TYR B 14 -1.70 -37.81 -17.18
C TYR B 14 -0.27 -38.32 -17.13
N ARG B 15 0.66 -37.39 -16.97
CA ARG B 15 2.06 -37.74 -16.71
C ARG B 15 2.62 -36.82 -15.63
N GLU B 16 3.44 -37.38 -14.75
CA GLU B 16 4.19 -36.59 -13.79
C GLU B 16 5.41 -35.98 -14.48
N VAL B 17 5.59 -34.68 -14.31
CA VAL B 17 6.77 -33.96 -14.82
C VAL B 17 7.30 -33.11 -13.67
N ASP B 18 8.52 -33.42 -13.21
CA ASP B 18 9.13 -32.69 -12.10
C ASP B 18 8.16 -32.58 -10.93
N GLY B 19 7.45 -33.67 -10.63
CA GLY B 19 6.56 -33.70 -9.49
C GLY B 19 5.20 -33.08 -9.69
N VAL B 20 4.87 -32.65 -10.90
CA VAL B 20 3.60 -32.00 -11.20
C VAL B 20 2.82 -32.89 -12.16
N LYS B 21 1.58 -33.21 -11.81
CA LYS B 21 0.75 -34.11 -12.62
C LYS B 21 0.06 -33.32 -13.72
N LEU B 22 0.50 -33.50 -14.96
CA LEU B 22 -0.03 -32.78 -16.11
C LEU B 22 -1.09 -33.62 -16.83
N HIS B 23 -2.21 -32.99 -17.15
CA HIS B 23 -3.23 -33.61 -17.99
C HIS B 23 -2.98 -33.31 -19.46
N TYR B 24 -3.26 -34.29 -20.31
CA TYR B 24 -3.21 -34.03 -21.75
C TYR B 24 -4.17 -34.96 -22.49
N VAL B 25 -4.44 -34.59 -23.74
CA VAL B 25 -5.20 -35.42 -24.66
C VAL B 25 -4.33 -35.72 -25.86
N LYS B 26 -4.25 -37.00 -26.25
CA LYS B 26 -3.26 -37.46 -27.22
C LYS B 26 -3.89 -38.43 -28.21
N GLY B 27 -3.50 -38.31 -29.48
CA GLY B 27 -3.93 -39.25 -30.50
C GLY B 27 -3.06 -39.10 -31.72
N GLY B 28 -3.21 -40.05 -32.64
CA GLY B 28 -2.51 -40.00 -33.91
C GLY B 28 -1.23 -40.82 -33.89
N GLN B 29 -0.54 -40.77 -35.03
CA GLN B 29 0.76 -41.42 -35.16
C GLN B 29 1.60 -40.62 -36.14
N GLY B 30 2.92 -40.77 -35.99
CA GLY B 30 3.88 -39.99 -36.73
C GLY B 30 4.62 -39.03 -35.81
N PRO B 31 5.36 -38.08 -36.40
CA PRO B 31 6.10 -37.13 -35.57
C PRO B 31 5.16 -36.36 -34.66
N LEU B 32 5.70 -35.88 -33.54
CA LEU B 32 4.89 -35.23 -32.51
C LEU B 32 4.64 -33.77 -32.81
N VAL B 33 3.40 -33.34 -32.61
CA VAL B 33 3.03 -31.91 -32.56
C VAL B 33 2.39 -31.65 -31.21
N MET B 34 2.91 -30.66 -30.48
CA MET B 34 2.33 -30.26 -29.20
C MET B 34 1.55 -28.97 -29.40
N LEU B 35 0.30 -28.95 -28.95
CA LEU B 35 -0.59 -27.80 -29.08
C LEU B 35 -0.83 -27.22 -27.70
N VAL B 36 -0.54 -25.93 -27.50
CA VAL B 36 -0.57 -25.31 -26.17
C VAL B 36 -1.57 -24.15 -26.15
N HIS B 37 -2.62 -24.31 -25.36
CA HIS B 37 -3.72 -23.35 -25.23
C HIS B 37 -3.33 -22.10 -24.43
N GLY B 38 -4.27 -21.16 -24.36
CA GLY B 38 -4.07 -19.92 -23.64
C GLY B 38 -5.12 -19.61 -22.58
N PHE B 39 -5.17 -18.34 -22.17
CA PHE B 39 -6.03 -17.94 -21.07
C PHE B 39 -7.50 -18.13 -21.40
N GLY B 40 -8.26 -18.55 -20.39
CA GLY B 40 -9.69 -18.73 -20.52
C GLY B 40 -10.10 -20.05 -21.13
N GLN B 41 -9.13 -20.86 -21.55
CA GLN B 41 -9.44 -22.08 -22.28
C GLN B 41 -8.55 -23.19 -21.73
N THR B 42 -8.57 -24.32 -22.44
CA THR B 42 -7.90 -25.56 -22.05
C THR B 42 -7.48 -26.25 -23.33
N TRP B 43 -7.02 -27.50 -23.21
CA TRP B 43 -6.71 -28.31 -24.39
C TRP B 43 -7.84 -28.28 -25.40
N TYR B 44 -9.09 -28.14 -24.94
CA TYR B 44 -10.26 -28.30 -25.80
C TYR B 44 -10.34 -27.25 -26.90
N GLU B 45 -9.64 -26.12 -26.78
CA GLU B 45 -9.69 -25.18 -27.91
C GLU B 45 -9.12 -25.81 -29.17
N TRP B 46 -8.32 -26.88 -29.05
CA TRP B 46 -7.74 -27.55 -30.20
C TRP B 46 -8.57 -28.72 -30.71
N HIS B 47 -9.77 -28.95 -30.18
CA HIS B 47 -10.45 -30.21 -30.47
C HIS B 47 -10.92 -30.32 -31.92
N GLN B 48 -11.03 -29.20 -32.65
CA GLN B 48 -11.39 -29.33 -34.07
C GLN B 48 -10.16 -29.58 -34.93
N LEU B 49 -9.01 -29.04 -34.54
CA LEU B 49 -7.76 -29.25 -35.28
C LEU B 49 -7.22 -30.65 -35.05
N MET B 50 -7.38 -31.18 -33.83
CA MET B 50 -6.70 -32.43 -33.46
C MET B 50 -7.01 -33.61 -34.38
N PRO B 51 -8.27 -33.92 -34.71
CA PRO B 51 -8.52 -35.08 -35.58
C PRO B 51 -7.91 -34.96 -36.96
N GLU B 52 -7.91 -33.74 -37.53
CA GLU B 52 -7.34 -33.53 -38.85
C GLU B 52 -5.82 -33.68 -38.81
N LEU B 53 -5.21 -33.09 -37.78
CA LEU B 53 -3.76 -33.15 -37.65
C LEU B 53 -3.28 -34.56 -37.35
N ALA B 54 -4.09 -35.35 -36.62
CA ALA B 54 -3.72 -36.71 -36.23
C ALA B 54 -3.68 -37.69 -37.40
N LYS B 55 -4.12 -37.27 -38.59
CA LYS B 55 -3.98 -38.10 -39.78
C LYS B 55 -2.54 -38.20 -40.24
N ARG B 56 -1.68 -37.25 -39.86
CA ARG B 56 -0.29 -37.22 -40.27
C ARG B 56 0.69 -37.15 -39.11
N PHE B 57 0.23 -36.87 -37.89
CA PHE B 57 1.10 -36.62 -36.75
C PHE B 57 0.56 -37.29 -35.51
N THR B 58 1.46 -37.55 -34.55
CA THR B 58 1.05 -37.75 -33.17
C THR B 58 0.79 -36.38 -32.55
N VAL B 59 -0.40 -36.20 -31.98
CA VAL B 59 -0.84 -34.90 -31.48
C VAL B 59 -1.03 -34.99 -29.97
N ILE B 60 -0.43 -34.05 -29.24
CA ILE B 60 -0.65 -33.96 -27.79
C ILE B 60 -1.05 -32.53 -27.45
N ALA B 61 -2.12 -32.39 -26.65
CA ALA B 61 -2.62 -31.08 -26.23
C ALA B 61 -2.68 -31.11 -24.71
N PRO B 62 -1.72 -30.52 -24.01
CA PRO B 62 -1.76 -30.51 -22.56
C PRO B 62 -2.58 -29.35 -22.02
N ASP B 63 -3.06 -29.53 -20.79
CA ASP B 63 -3.54 -28.40 -20.01
C ASP B 63 -2.36 -27.71 -19.32
N LEU B 64 -2.31 -26.39 -19.40
CA LEU B 64 -1.26 -25.64 -18.73
C LEU B 64 -1.31 -25.90 -17.24
N PRO B 65 -0.17 -25.87 -16.55
CA PRO B 65 -0.18 -26.08 -15.10
C PRO B 65 -1.22 -25.22 -14.38
N GLY B 66 -2.01 -25.88 -13.55
CA GLY B 66 -3.04 -25.22 -12.78
C GLY B 66 -4.34 -25.01 -13.51
N LEU B 67 -4.35 -25.12 -14.84
CA LEU B 67 -5.55 -24.96 -15.64
C LEU B 67 -6.06 -26.31 -16.14
N GLY B 68 -7.31 -26.32 -16.60
CA GLY B 68 -7.93 -27.57 -16.97
C GLY B 68 -7.79 -28.57 -15.84
N GLN B 69 -7.25 -29.76 -16.16
CA GLN B 69 -7.08 -30.83 -15.20
C GLN B 69 -5.63 -31.05 -14.78
N SER B 70 -4.76 -30.06 -15.04
CA SER B 70 -3.35 -30.13 -14.65
C SER B 70 -3.11 -29.51 -13.26
N GLU B 71 -2.20 -30.15 -12.51
CA GLU B 71 -1.80 -29.64 -11.21
C GLU B 71 -1.06 -28.31 -11.38
N PRO B 72 -1.18 -27.39 -10.42
CA PRO B 72 -0.39 -26.16 -10.47
C PRO B 72 1.10 -26.45 -10.45
N PRO B 73 1.92 -25.55 -10.98
CA PRO B 73 3.37 -25.74 -10.97
C PRO B 73 3.91 -25.67 -9.56
N LYS B 74 5.02 -26.37 -9.33
CA LYS B 74 5.66 -26.32 -8.03
C LYS B 74 6.80 -25.32 -7.98
N THR B 75 7.25 -24.83 -9.14
CA THR B 75 8.32 -23.83 -9.19
C THR B 75 7.70 -22.44 -9.25
N GLY B 76 7.03 -22.12 -10.34
CA GLY B 76 6.41 -20.82 -10.47
C GLY B 76 5.74 -20.71 -11.81
N TYR B 77 5.19 -19.51 -12.06
CA TYR B 77 4.37 -19.27 -13.25
C TYR B 77 5.08 -18.40 -14.29
N SER B 78 6.36 -18.08 -14.09
CA SER B 78 7.07 -17.34 -15.12
C SER B 78 7.28 -18.23 -16.34
N GLY B 79 7.51 -17.58 -17.48
CA GLY B 79 7.65 -18.31 -18.73
C GLY B 79 8.74 -19.36 -18.68
N GLU B 80 9.89 -19.03 -18.09
CA GLU B 80 10.98 -20.00 -18.04
C GLU B 80 10.64 -21.19 -17.17
N GLN B 81 9.94 -20.96 -16.07
CA GLN B 81 9.59 -22.08 -15.18
C GLN B 81 8.55 -22.99 -15.82
N VAL B 82 7.52 -22.42 -16.43
CA VAL B 82 6.46 -23.24 -16.99
C VAL B 82 6.97 -23.98 -18.22
N ALA B 83 7.86 -23.36 -19.00
CA ALA B 83 8.37 -23.99 -20.20
C ALA B 83 9.12 -25.27 -19.90
N VAL B 84 9.75 -25.37 -18.72
CA VAL B 84 10.40 -26.63 -18.34
C VAL B 84 9.41 -27.78 -18.35
N TYR B 85 8.23 -27.57 -17.73
CA TYR B 85 7.24 -28.64 -17.68
C TYR B 85 6.81 -29.08 -19.07
N LEU B 86 6.53 -28.12 -19.94
CA LEU B 86 6.04 -28.44 -21.27
C LEU B 86 7.12 -29.09 -22.12
N HIS B 87 8.35 -28.61 -22.02
CA HIS B 87 9.45 -29.24 -22.76
C HIS B 87 9.63 -30.69 -22.32
N LYS B 88 9.69 -30.91 -21.00
CA LYS B 88 9.92 -32.27 -20.53
C LYS B 88 8.75 -33.18 -20.86
N LEU B 89 7.52 -32.66 -20.85
CA LEU B 89 6.39 -33.48 -21.24
C LEU B 89 6.53 -33.92 -22.69
N ALA B 90 6.85 -32.97 -23.58
CA ALA B 90 6.99 -33.31 -24.99
C ALA B 90 8.11 -34.33 -25.20
N ARG B 91 9.22 -34.18 -24.49
CA ARG B 91 10.33 -35.10 -24.65
C ARG B 91 10.02 -36.49 -24.12
N GLN B 92 9.05 -36.65 -23.22
CA GLN B 92 8.62 -38.00 -22.84
C GLN B 92 8.03 -38.74 -24.03
N PHE B 93 7.40 -38.02 -24.95
CA PHE B 93 6.75 -38.66 -26.08
C PHE B 93 7.57 -38.59 -27.36
N SER B 94 8.52 -37.66 -27.46
CA SER B 94 9.37 -37.53 -28.63
C SER B 94 10.84 -37.43 -28.23
N PRO B 95 11.39 -38.47 -27.57
CA PRO B 95 12.77 -38.36 -27.08
C PRO B 95 13.82 -38.39 -28.17
N ASP B 96 13.51 -38.95 -29.34
CA ASP B 96 14.50 -39.25 -30.37
C ASP B 96 14.34 -38.40 -31.63
N ARG B 97 13.39 -37.48 -31.67
CA ARG B 97 13.12 -36.65 -32.83
C ARG B 97 12.71 -35.26 -32.35
N PRO B 98 13.01 -34.22 -33.11
CA PRO B 98 12.42 -32.92 -32.82
C PRO B 98 10.92 -32.95 -33.03
N PHE B 99 10.22 -32.08 -32.30
CA PHE B 99 8.76 -32.03 -32.36
C PHE B 99 8.31 -30.65 -32.81
N ASP B 100 7.08 -30.59 -33.30
CA ASP B 100 6.48 -29.32 -33.68
C ASP B 100 5.71 -28.73 -32.50
N LEU B 101 5.59 -27.40 -32.52
CA LEU B 101 4.93 -26.67 -31.45
C LEU B 101 3.99 -25.65 -32.03
N VAL B 102 2.75 -25.68 -31.57
CA VAL B 102 1.72 -24.70 -31.91
C VAL B 102 1.21 -24.12 -30.60
N ALA B 103 1.18 -22.79 -30.49
CA ALA B 103 0.75 -22.17 -29.24
C ALA B 103 -0.08 -20.92 -29.49
N HIS B 104 -1.03 -20.68 -28.58
CA HIS B 104 -2.00 -19.60 -28.67
C HIS B 104 -1.96 -18.79 -27.37
N ASP B 105 -1.94 -17.47 -27.49
CA ASP B 105 -2.08 -16.57 -26.33
C ASP B 105 -0.98 -16.89 -25.32
N ILE B 106 -1.28 -17.10 -24.03
CA ILE B 106 -0.22 -17.31 -23.06
C ILE B 106 0.50 -18.63 -23.27
N GLY B 107 0.01 -19.50 -24.15
CA GLY B 107 0.81 -20.65 -24.55
C GLY B 107 2.13 -20.23 -25.16
N ILE B 108 2.16 -19.06 -25.81
CA ILE B 108 3.40 -18.49 -26.31
C ILE B 108 4.35 -18.15 -25.17
N TRP B 109 3.81 -17.45 -24.15
CA TRP B 109 4.61 -17.06 -22.99
C TRP B 109 5.25 -18.27 -22.34
N ASN B 110 4.51 -19.37 -22.28
CA ASN B 110 4.92 -20.54 -21.55
C ASN B 110 5.73 -21.51 -22.38
N THR B 111 6.02 -21.19 -23.65
CA THR B 111 6.84 -22.06 -24.47
C THR B 111 8.06 -21.39 -25.06
N TYR B 112 8.04 -20.09 -25.29
CA TYR B 112 9.17 -19.43 -25.94
C TYR B 112 10.50 -19.76 -25.26
N PRO B 113 10.63 -19.73 -23.93
CA PRO B 113 11.96 -20.03 -23.36
C PRO B 113 12.48 -21.42 -23.71
N MET B 114 11.61 -22.43 -23.74
CA MET B 114 12.18 -23.74 -24.03
C MET B 114 12.45 -23.91 -25.52
N VAL B 115 11.75 -23.15 -26.37
CA VAL B 115 12.08 -23.14 -27.79
C VAL B 115 13.46 -22.54 -28.02
N VAL B 116 13.72 -21.37 -27.42
CA VAL B 116 15.00 -20.72 -27.72
C VAL B 116 16.17 -21.47 -27.06
N LYS B 117 15.92 -22.17 -25.96
CA LYS B 117 17.00 -22.87 -25.26
C LYS B 117 17.23 -24.29 -25.76
N ASN B 118 16.29 -24.85 -26.52
CA ASN B 118 16.39 -26.23 -26.97
C ASN B 118 16.04 -26.31 -28.45
N GLN B 119 16.71 -25.48 -29.26
CA GLN B 119 16.27 -25.31 -30.64
C GLN B 119 16.39 -26.60 -31.43
N ALA B 120 17.34 -27.46 -31.09
CA ALA B 120 17.45 -28.73 -31.80
C ALA B 120 16.27 -29.64 -31.53
N ASP B 121 15.49 -29.37 -30.48
CA ASP B 121 14.31 -30.18 -30.17
C ASP B 121 13.05 -29.73 -30.90
N ILE B 122 13.08 -28.60 -31.60
CA ILE B 122 11.91 -28.01 -32.23
C ILE B 122 12.08 -28.06 -33.73
N ALA B 123 11.18 -28.79 -34.41
CA ALA B 123 11.26 -28.86 -35.86
C ALA B 123 10.66 -27.61 -36.50
N ARG B 124 9.39 -27.34 -36.20
CA ARG B 124 8.65 -26.20 -36.76
CA ARG B 124 8.69 -26.18 -36.74
C ARG B 124 7.80 -25.57 -35.65
N LEU B 125 7.57 -24.26 -35.78
CA LEU B 125 6.94 -23.45 -34.74
C LEU B 125 5.78 -22.65 -35.33
N VAL B 126 4.62 -22.67 -34.66
CA VAL B 126 3.48 -21.82 -35.02
C VAL B 126 3.02 -21.08 -33.78
N TYR B 127 3.03 -19.75 -33.84
CA TYR B 127 2.58 -18.89 -32.75
C TYR B 127 1.41 -18.04 -33.22
N MET B 128 0.37 -17.93 -32.38
CA MET B 128 -0.78 -17.10 -32.73
C MET B 128 -1.32 -16.30 -31.56
N GLN B 129 -1.64 -15.02 -31.83
CA GLN B 129 -2.48 -14.18 -30.97
C GLN B 129 -1.94 -14.00 -29.55
N ALA B 130 -0.71 -13.48 -29.46
CA ALA B 130 -0.21 -12.85 -28.24
C ALA B 130 1.20 -12.34 -28.48
N PRO B 131 1.59 -11.26 -27.82
CA PRO B 131 2.99 -10.87 -27.87
C PRO B 131 3.85 -11.89 -27.12
N ILE B 132 5.03 -12.18 -27.68
CA ILE B 132 6.08 -12.72 -26.82
C ILE B 132 6.36 -11.67 -25.74
N PRO B 133 6.49 -12.04 -24.45
CA PRO B 133 6.72 -11.01 -23.44
C PRO B 133 8.02 -10.26 -23.64
N ASP B 134 7.92 -8.98 -23.97
CA ASP B 134 9.08 -8.12 -24.13
C ASP B 134 8.60 -6.68 -24.00
N ALA B 135 9.51 -5.72 -24.22
CA ALA B 135 9.18 -4.33 -23.95
C ALA B 135 8.03 -3.81 -24.81
N ARG B 136 7.70 -4.49 -25.91
CA ARG B 136 6.60 -4.01 -26.75
C ARG B 136 5.28 -4.00 -26.00
N ILE B 137 5.12 -4.86 -24.98
CA ILE B 137 3.84 -4.90 -24.30
C ILE B 137 3.56 -3.62 -23.54
N TYR B 138 4.60 -2.85 -23.21
CA TYR B 138 4.45 -1.61 -22.46
C TYR B 138 3.93 -0.46 -23.31
N ARG B 139 3.76 -0.67 -24.61
CA ARG B 139 3.25 0.36 -25.51
C ARG B 139 1.76 0.23 -25.79
N PHE B 140 1.13 -0.89 -25.45
CA PHE B 140 -0.31 -1.02 -25.67
C PHE B 140 -1.07 -0.03 -24.79
N PRO B 141 -2.14 0.58 -25.30
CA PRO B 141 -2.83 1.62 -24.55
C PRO B 141 -3.81 1.09 -23.51
N ALA B 142 -4.01 1.91 -22.47
CA ALA B 142 -4.95 1.59 -21.41
C ALA B 142 -6.39 1.77 -21.83
N PHE B 143 -6.66 2.61 -22.82
CA PHE B 143 -8.00 3.03 -23.17
C PHE B 143 -7.98 3.51 -24.61
N THR B 144 -9.11 3.36 -25.31
CA THR B 144 -9.18 3.76 -26.71
C THR B 144 -10.40 4.62 -26.97
N ALA B 145 -10.39 5.31 -28.13
CA ALA B 145 -11.50 6.18 -28.50
C ALA B 145 -12.78 5.41 -28.80
N GLN B 146 -12.72 4.09 -28.90
CA GLN B 146 -13.88 3.24 -29.11
C GLN B 146 -14.33 2.50 -27.86
N GLY B 147 -13.62 2.67 -26.74
CA GLY B 147 -13.96 1.95 -25.54
C GLY B 147 -12.80 1.14 -24.99
N GLU B 148 -13.09 0.02 -24.35
CA GLU B 148 -12.03 -0.71 -23.65
C GLU B 148 -10.97 -1.21 -24.63
N SER B 149 -9.72 -1.22 -24.16
CA SER B 149 -8.57 -1.60 -24.96
C SER B 149 -8.34 -3.12 -24.93
N LEU B 150 -7.37 -3.56 -25.75
CA LEU B 150 -7.11 -4.99 -25.91
C LEU B 150 -6.52 -5.63 -24.66
N VAL B 151 -5.59 -4.94 -23.98
CA VAL B 151 -4.85 -5.67 -22.94
C VAL B 151 -4.86 -4.95 -21.60
N TRP B 152 -5.88 -4.13 -21.33
CA TRP B 152 -6.01 -3.63 -19.95
C TRP B 152 -6.11 -4.78 -18.95
N HIS B 153 -6.56 -5.96 -19.38
CA HIS B 153 -6.63 -7.08 -18.47
C HIS B 153 -5.26 -7.50 -17.95
N PHE B 154 -4.16 -7.16 -18.64
CA PHE B 154 -2.85 -7.48 -18.07
C PHE B 154 -2.72 -6.89 -16.68
N SER B 155 -3.15 -5.63 -16.51
CA SER B 155 -3.04 -4.99 -15.19
C SER B 155 -4.08 -5.52 -14.21
N PHE B 156 -5.31 -5.75 -14.69
CA PHE B 156 -6.35 -6.30 -13.83
C PHE B 156 -5.91 -7.64 -13.25
N PHE B 157 -5.39 -8.51 -14.10
CA PHE B 157 -5.02 -9.85 -13.66
C PHE B 157 -3.73 -9.83 -12.84
N ALA B 158 -2.82 -8.89 -13.11
CA ALA B 158 -1.56 -8.85 -12.37
C ALA B 158 -1.69 -8.15 -11.02
N ALA B 159 -2.81 -7.47 -10.77
CA ALA B 159 -2.96 -6.72 -9.51
C ALA B 159 -2.87 -7.65 -8.30
N ASP B 160 -2.41 -7.09 -7.18
CA ASP B 160 -2.29 -7.88 -5.95
C ASP B 160 -3.62 -7.92 -5.20
N ASP B 161 -3.60 -8.31 -3.93
CA ASP B 161 -4.80 -8.49 -3.12
C ASP B 161 -5.77 -9.51 -3.70
N ARG B 162 -5.30 -10.39 -4.59
CA ARG B 162 -6.18 -11.31 -5.32
C ARG B 162 -7.36 -10.56 -5.90
N LEU B 163 -7.07 -9.41 -6.51
CA LEU B 163 -8.14 -8.55 -7.01
C LEU B 163 -9.03 -9.29 -7.99
N ALA B 164 -8.43 -9.92 -8.99
CA ALA B 164 -9.22 -10.59 -10.03
C ALA B 164 -10.00 -11.78 -9.46
N GLU B 165 -9.35 -12.63 -8.65
CA GLU B 165 -10.08 -13.77 -8.08
C GLU B 165 -11.24 -13.31 -7.24
N THR B 166 -11.04 -12.23 -6.47
CA THR B 166 -12.06 -11.81 -5.52
C THR B 166 -13.26 -11.22 -6.25
N LEU B 167 -13.02 -10.46 -7.31
CA LEU B 167 -14.13 -9.87 -8.04
C LEU B 167 -14.83 -10.88 -8.94
N ILE B 168 -14.08 -11.84 -9.48
CA ILE B 168 -14.68 -12.72 -10.48
C ILE B 168 -15.34 -13.94 -9.83
N ALA B 169 -14.91 -14.35 -8.64
CA ALA B 169 -15.58 -15.46 -7.97
C ALA B 169 -17.06 -15.18 -7.80
N GLY B 170 -17.89 -16.17 -8.11
CA GLY B 170 -19.33 -16.01 -8.16
C GLY B 170 -19.86 -15.44 -9.45
N LYS B 171 -18.99 -14.94 -10.32
CA LYS B 171 -19.36 -14.32 -11.59
C LYS B 171 -18.47 -14.84 -12.71
N GLU B 172 -18.01 -16.09 -12.60
CA GLU B 172 -16.97 -16.60 -13.52
C GLU B 172 -17.51 -16.74 -14.95
N ARG B 173 -18.74 -17.24 -15.09
CA ARG B 173 -19.35 -17.38 -16.41
C ARG B 173 -19.66 -16.02 -17.02
N PHE B 174 -20.20 -15.09 -16.22
CA PHE B 174 -20.43 -13.75 -16.70
C PHE B 174 -19.13 -13.10 -17.18
N PHE B 175 -18.07 -13.19 -16.38
CA PHE B 175 -16.83 -12.52 -16.77
C PHE B 175 -16.26 -13.14 -18.04
N LEU B 176 -16.23 -14.47 -18.11
CA LEU B 176 -15.56 -15.11 -19.23
C LEU B 176 -16.30 -14.84 -20.53
N GLU B 177 -17.65 -14.79 -20.49
CA GLU B 177 -18.38 -14.43 -21.70
C GLU B 177 -18.03 -13.02 -22.15
N HIS B 178 -17.99 -12.07 -21.22
CA HIS B 178 -17.59 -10.72 -21.59
C HIS B 178 -16.18 -10.71 -22.16
N PHE B 179 -15.25 -11.38 -21.49
CA PHE B 179 -13.86 -11.40 -21.94
C PHE B 179 -13.74 -12.00 -23.33
N ILE B 180 -14.38 -13.15 -23.56
CA ILE B 180 -14.27 -13.79 -24.86
C ILE B 180 -14.92 -12.92 -25.95
N LYS B 181 -16.13 -12.44 -25.70
CA LYS B 181 -16.80 -11.69 -26.76
C LYS B 181 -16.12 -10.34 -27.02
N SER B 182 -15.53 -9.73 -25.99
CA SER B 182 -14.85 -8.46 -26.20
C SER B 182 -13.55 -8.63 -26.98
N HIS B 183 -13.01 -9.84 -27.07
CA HIS B 183 -11.82 -10.12 -27.85
C HIS B 183 -12.13 -10.88 -29.13
N ALA B 184 -13.40 -10.97 -29.49
CA ALA B 184 -13.83 -11.72 -30.67
C ALA B 184 -14.32 -10.79 -31.76
N SER B 185 -14.12 -11.22 -32.99
CA SER B 185 -14.84 -10.62 -34.10
CA SER B 185 -14.82 -10.64 -34.13
C SER B 185 -16.15 -11.34 -34.37
N ASN B 186 -16.13 -12.67 -34.35
CA ASN B 186 -17.30 -13.51 -34.61
CA ASN B 186 -17.32 -13.48 -34.60
C ASN B 186 -17.74 -14.11 -33.27
N THR B 187 -18.67 -13.45 -32.60
CA THR B 187 -19.13 -13.99 -31.32
C THR B 187 -20.07 -15.17 -31.49
N GLU B 188 -20.63 -15.37 -32.70
CA GLU B 188 -21.59 -16.45 -32.92
C GLU B 188 -20.99 -17.83 -32.75
N VAL B 189 -19.68 -17.97 -32.87
CA VAL B 189 -19.08 -19.30 -32.78
C VAL B 189 -19.00 -19.81 -31.36
N PHE B 190 -19.32 -18.97 -30.36
CA PHE B 190 -19.29 -19.36 -28.96
C PHE B 190 -20.70 -19.61 -28.47
N SER B 191 -21.12 -20.87 -28.49
CA SER B 191 -22.44 -21.22 -27.99
C SER B 191 -22.51 -21.00 -26.49
N GLU B 192 -23.72 -20.85 -25.97
CA GLU B 192 -23.89 -20.76 -24.52
C GLU B 192 -23.29 -21.98 -23.84
N ARG B 193 -23.43 -23.15 -24.46
CA ARG B 193 -22.89 -24.37 -23.87
C ARG B 193 -21.35 -24.37 -23.84
N LEU B 194 -20.72 -23.93 -24.92
CA LEU B 194 -19.26 -23.86 -24.92
C LEU B 194 -18.75 -22.92 -23.83
N LEU B 195 -19.44 -21.78 -23.64
CA LEU B 195 -19.05 -20.86 -22.58
C LEU B 195 -19.24 -21.50 -21.21
N ASP B 196 -20.30 -22.30 -21.05
CA ASP B 196 -20.50 -23.00 -19.78
C ASP B 196 -19.33 -23.92 -19.47
N LEU B 197 -18.87 -24.69 -20.47
CA LEU B 197 -17.78 -25.64 -20.27
C LEU B 197 -16.49 -24.92 -19.88
N TYR B 198 -16.15 -23.86 -20.59
CA TYR B 198 -14.92 -23.14 -20.26
C TYR B 198 -15.05 -22.46 -18.90
N ALA B 199 -16.23 -21.91 -18.59
CA ALA B 199 -16.38 -21.21 -17.33
C ALA B 199 -16.28 -22.17 -16.15
N ARG B 200 -16.86 -23.38 -16.27
CA ARG B 200 -16.80 -24.32 -15.16
C ARG B 200 -15.37 -24.75 -14.88
N SER B 201 -14.53 -24.84 -15.91
CA SER B 201 -13.15 -25.28 -15.69
C SER B 201 -12.34 -24.22 -14.97
N TYR B 202 -12.32 -22.99 -15.48
CA TYR B 202 -11.45 -22.01 -14.83
C TYR B 202 -12.05 -21.47 -13.53
N ALA B 203 -13.31 -21.81 -13.22
CA ALA B 203 -13.90 -21.42 -11.94
C ALA B 203 -13.39 -22.25 -10.77
N LYS B 204 -12.78 -23.41 -11.02
CA LYS B 204 -12.16 -24.16 -9.93
C LYS B 204 -11.21 -23.22 -9.18
N PRO B 205 -11.29 -23.12 -7.85
CA PRO B 205 -10.49 -22.09 -7.16
C PRO B 205 -9.01 -22.11 -7.53
N HIS B 206 -8.37 -23.28 -7.61
CA HIS B 206 -6.95 -23.24 -7.94
C HIS B 206 -6.71 -22.86 -9.39
N SER B 207 -7.70 -23.07 -10.27
CA SER B 207 -7.55 -22.71 -11.68
C SER B 207 -7.81 -21.23 -11.90
N LEU B 208 -8.78 -20.65 -11.18
CA LEU B 208 -8.98 -19.21 -11.24
C LEU B 208 -7.72 -18.48 -10.80
N ASN B 209 -7.14 -18.91 -9.69
CA ASN B 209 -5.87 -18.30 -9.24
C ASN B 209 -4.74 -18.56 -10.23
N ALA B 210 -4.59 -19.81 -10.70
CA ALA B 210 -3.53 -20.09 -11.64
C ALA B 210 -3.61 -19.19 -12.86
N SER B 211 -4.81 -18.98 -13.39
CA SER B 211 -5.00 -18.12 -14.56
C SER B 211 -4.30 -16.79 -14.36
N PHE B 212 -4.49 -16.17 -13.19
CA PHE B 212 -3.96 -14.83 -12.99
C PHE B 212 -2.51 -14.84 -12.58
N GLU B 213 -2.02 -15.94 -11.99
CA GLU B 213 -0.60 -16.00 -11.65
C GLU B 213 0.29 -15.92 -12.88
N TYR B 214 -0.19 -16.38 -14.05
CA TYR B 214 0.59 -16.17 -15.27
C TYR B 214 0.83 -14.69 -15.54
N TYR B 215 -0.17 -13.85 -15.21
CA TYR B 215 -0.04 -12.41 -15.42
C TYR B 215 0.77 -11.75 -14.31
N ARG B 216 0.64 -12.27 -13.08
CA ARG B 216 1.47 -11.77 -12.00
C ARG B 216 2.96 -12.05 -12.23
N ALA B 217 3.28 -13.01 -13.11
CA ALA B 217 4.67 -13.30 -13.47
C ALA B 217 5.09 -12.66 -14.78
N LEU B 218 4.23 -11.87 -15.41
CA LEU B 218 4.51 -11.36 -16.75
C LEU B 218 5.75 -10.48 -16.80
N ASN B 219 5.88 -9.54 -15.86
CA ASN B 219 7.06 -8.67 -15.89
C ASN B 219 8.33 -9.49 -15.66
N GLU B 220 8.25 -10.52 -14.81
CA GLU B 220 9.40 -11.41 -14.65
C GLU B 220 9.72 -12.14 -15.96
N SER B 221 8.69 -12.58 -16.69
CA SER B 221 8.91 -13.21 -18.00
C SER B 221 9.54 -12.24 -18.99
N VAL B 222 9.09 -10.98 -19.00
CA VAL B 222 9.75 -9.97 -19.84
C VAL B 222 11.23 -9.88 -19.52
N ARG B 223 11.58 -9.85 -18.22
CA ARG B 223 12.97 -9.72 -17.85
C ARG B 223 13.78 -10.97 -18.24
N GLN B 224 13.18 -12.16 -18.06
CA GLN B 224 13.84 -13.38 -18.52
C GLN B 224 14.11 -13.34 -20.01
N ASN B 225 13.10 -12.92 -20.77
CA ASN B 225 13.22 -12.97 -22.22
C ASN B 225 14.22 -11.95 -22.75
N ALA B 226 14.46 -10.88 -22.01
CA ALA B 226 15.46 -9.91 -22.43
C ALA B 226 16.83 -10.55 -22.60
N GLU B 227 17.15 -11.53 -21.75
CA GLU B 227 18.41 -12.26 -21.92
C GLU B 227 18.27 -13.38 -22.96
N LEU B 228 17.15 -14.10 -22.94
CA LEU B 228 17.00 -15.23 -23.85
C LEU B 228 17.04 -14.79 -25.31
N ALA B 229 16.49 -13.62 -25.60
CA ALA B 229 16.33 -13.17 -26.99
C ALA B 229 17.65 -12.78 -27.64
N LYS B 230 18.77 -12.83 -26.92
CA LYS B 230 20.07 -12.64 -27.55
C LYS B 230 20.39 -13.77 -28.52
N THR B 231 19.65 -14.88 -28.47
CA THR B 231 19.77 -15.99 -29.40
C THR B 231 18.54 -16.01 -30.29
N ARG B 232 18.73 -15.82 -31.59
CA ARG B 232 17.62 -15.83 -32.53
C ARG B 232 17.10 -17.26 -32.76
N LEU B 233 15.83 -17.36 -33.14
CA LEU B 233 15.24 -18.66 -33.48
C LEU B 233 15.58 -19.02 -34.92
N GLN B 234 16.00 -20.27 -35.13
CA GLN B 234 16.47 -20.68 -36.46
C GLN B 234 15.53 -21.63 -37.18
N MET B 235 14.51 -22.17 -36.51
CA MET B 235 13.62 -23.14 -37.15
C MET B 235 12.53 -22.44 -37.95
N PRO B 236 11.95 -23.14 -38.92
CA PRO B 236 10.82 -22.56 -39.67
C PRO B 236 9.68 -22.20 -38.75
N THR B 237 9.18 -20.97 -38.90
CA THR B 237 8.16 -20.41 -38.01
C THR B 237 7.04 -19.79 -38.83
N MET B 238 5.82 -19.92 -38.34
CA MET B 238 4.66 -19.26 -38.91
C MET B 238 3.91 -18.55 -37.81
N THR B 239 3.47 -17.32 -38.07
CA THR B 239 2.59 -16.62 -37.16
C THR B 239 1.20 -16.50 -37.78
N LEU B 240 0.18 -16.55 -36.92
CA LEU B 240 -1.19 -16.25 -37.34
C LEU B 240 -1.78 -15.21 -36.40
N ALA B 241 -2.61 -14.33 -36.98
CA ALA B 241 -3.28 -13.30 -36.21
C ALA B 241 -4.62 -13.00 -36.84
N GLY B 242 -5.57 -12.55 -36.02
CA GLY B 242 -6.84 -12.08 -36.54
C GLY B 242 -6.71 -10.67 -37.08
N GLY B 243 -7.46 -10.41 -38.14
CA GLY B 243 -7.50 -9.07 -38.71
C GLY B 243 -8.67 -8.24 -38.23
N GLY B 244 -9.61 -8.86 -37.52
CA GLY B 244 -10.78 -8.17 -37.00
C GLY B 244 -10.62 -7.74 -35.55
N HIS B 245 -11.74 -7.31 -34.97
CA HIS B 245 -11.77 -6.89 -33.57
C HIS B 245 -11.24 -7.99 -32.66
N GLY B 246 -10.31 -7.64 -31.77
CA GLY B 246 -9.63 -8.59 -30.93
C GLY B 246 -8.34 -9.15 -31.51
N GLY B 247 -8.10 -8.93 -32.80
CA GLY B 247 -6.93 -9.49 -33.42
C GLY B 247 -5.69 -8.66 -33.18
N MET B 248 -4.53 -9.32 -33.25
CA MET B 248 -3.25 -8.61 -33.17
C MET B 248 -2.86 -7.97 -34.49
N GLY B 249 -3.53 -8.31 -35.60
CA GLY B 249 -3.18 -7.70 -36.87
C GLY B 249 -1.74 -7.94 -37.22
N THR B 250 -1.09 -6.93 -37.79
CA THR B 250 0.29 -7.07 -38.26
C THR B 250 1.28 -7.18 -37.11
N PHE B 251 0.87 -6.90 -35.88
CA PHE B 251 1.83 -6.94 -34.76
C PHE B 251 2.48 -8.31 -34.62
N GLN B 252 1.71 -9.38 -34.81
CA GLN B 252 2.23 -10.72 -34.53
C GLN B 252 3.44 -11.02 -35.41
N LEU B 253 3.31 -10.84 -36.73
CA LEU B 253 4.43 -11.11 -37.61
C LEU B 253 5.56 -10.10 -37.40
N GLU B 254 5.21 -8.83 -37.18
CA GLU B 254 6.27 -7.84 -37.10
C GLU B 254 7.13 -8.05 -35.87
N GLN B 255 6.52 -8.42 -34.74
CA GLN B 255 7.34 -8.79 -33.57
C GLN B 255 8.16 -10.02 -33.86
N MET B 256 7.56 -11.03 -34.48
CA MET B 256 8.27 -12.30 -34.67
C MET B 256 9.48 -12.14 -35.57
N LYS B 257 9.46 -11.19 -36.50
CA LYS B 257 10.62 -10.95 -37.36
C LYS B 257 11.85 -10.57 -36.56
N ALA B 258 11.65 -9.96 -35.38
CA ALA B 258 12.77 -9.65 -34.51
C ALA B 258 13.34 -10.87 -33.82
N TYR B 259 12.56 -11.97 -33.74
CA TYR B 259 12.98 -13.16 -33.02
C TYR B 259 13.43 -14.29 -33.94
N ALA B 260 12.86 -14.39 -35.14
CA ALA B 260 13.01 -15.58 -35.98
C ALA B 260 13.56 -15.19 -37.34
N GLU B 261 14.58 -15.95 -37.79
CA GLU B 261 15.19 -15.68 -39.07
C GLU B 261 14.32 -16.16 -40.23
N ASP B 262 13.51 -17.20 -40.02
CA ASP B 262 12.76 -17.87 -41.07
C ASP B 262 11.30 -17.87 -40.64
N VAL B 263 10.56 -16.82 -40.99
CA VAL B 263 9.19 -16.69 -40.51
C VAL B 263 8.29 -16.22 -41.65
N GLU B 264 7.10 -16.81 -41.73
CA GLU B 264 6.02 -16.33 -42.56
C GLU B 264 4.83 -16.07 -41.67
N GLY B 265 3.96 -15.16 -42.09
CA GLY B 265 2.82 -14.79 -41.27
C GLY B 265 1.58 -14.61 -42.13
N HIS B 266 0.44 -14.81 -41.48
CA HIS B 266 -0.86 -14.52 -42.10
C HIS B 266 -1.74 -13.78 -41.12
N VAL B 267 -2.53 -12.85 -41.65
CA VAL B 267 -3.57 -12.14 -40.92
C VAL B 267 -4.90 -12.58 -41.52
N LEU B 268 -5.82 -13.04 -40.65
CA LEU B 268 -7.06 -13.64 -41.10
C LEU B 268 -8.20 -12.64 -41.01
N PRO B 269 -8.71 -12.12 -42.13
CA PRO B 269 -9.82 -11.17 -42.07
C PRO B 269 -11.07 -11.80 -41.48
N GLY B 270 -11.83 -11.01 -40.74
CA GLY B 270 -13.08 -11.51 -40.17
C GLY B 270 -12.91 -12.34 -38.92
N CYS B 271 -11.72 -12.34 -38.33
CA CYS B 271 -11.37 -13.16 -37.18
C CYS B 271 -10.73 -12.29 -36.11
N GLY B 272 -11.06 -12.55 -34.85
CA GLY B 272 -10.45 -11.83 -33.75
C GLY B 272 -9.39 -12.64 -33.03
N HIS B 273 -9.51 -12.76 -31.71
CA HIS B 273 -8.49 -13.41 -30.92
C HIS B 273 -8.57 -14.93 -30.96
N TRP B 274 -9.78 -15.48 -31.05
CA TRP B 274 -9.99 -16.90 -30.77
C TRP B 274 -9.95 -17.72 -32.07
N LEU B 275 -8.77 -17.72 -32.70
CA LEU B 275 -8.69 -18.26 -34.06
C LEU B 275 -9.18 -19.70 -34.19
N PRO B 276 -8.85 -20.64 -33.28
CA PRO B 276 -9.33 -22.03 -33.48
C PRO B 276 -10.84 -22.14 -33.55
N GLU B 277 -11.57 -21.22 -32.91
CA GLU B 277 -13.03 -21.23 -32.91
C GLU B 277 -13.63 -20.26 -33.92
N GLU B 278 -13.10 -19.03 -33.98
CA GLU B 278 -13.68 -18.05 -34.89
C GLU B 278 -13.37 -18.37 -36.35
N CYS B 279 -12.23 -18.99 -36.61
CA CYS B 279 -11.78 -19.21 -37.97
C CYS B 279 -11.11 -20.58 -38.05
N ALA B 280 -11.87 -21.60 -37.61
CA ALA B 280 -11.37 -22.97 -37.48
C ALA B 280 -10.85 -23.51 -38.81
N ALA B 281 -11.66 -23.42 -39.86
CA ALA B 281 -11.26 -24.07 -41.10
C ALA B 281 -10.01 -23.43 -41.70
N PRO B 282 -9.92 -22.11 -41.89
CA PRO B 282 -8.68 -21.56 -42.46
C PRO B 282 -7.49 -21.68 -41.52
N MET B 283 -7.69 -21.47 -40.21
CA MET B 283 -6.59 -21.69 -39.29
C MET B 283 -6.08 -23.12 -39.38
N ASN B 284 -6.99 -24.11 -39.37
CA ASN B 284 -6.53 -25.49 -39.41
C ASN B 284 -5.76 -25.76 -40.68
N ARG B 285 -6.26 -25.25 -41.80
CA ARG B 285 -5.62 -25.46 -43.08
C ARG B 285 -4.19 -24.91 -43.09
N LEU B 286 -4.03 -23.68 -42.59
CA LEU B 286 -2.70 -23.06 -42.64
C LEU B 286 -1.72 -23.80 -41.73
N VAL B 287 -2.18 -24.24 -40.56
CA VAL B 287 -1.33 -25.01 -39.66
C VAL B 287 -0.97 -26.36 -40.26
N ILE B 288 -1.97 -27.10 -40.74
CA ILE B 288 -1.70 -28.43 -41.31
C ILE B 288 -0.72 -28.33 -42.47
N ASP B 289 -0.96 -27.39 -43.39
CA ASP B 289 -0.08 -27.25 -44.55
C ASP B 289 1.33 -26.83 -44.15
N PHE B 290 1.45 -25.90 -43.19
CA PHE B 290 2.77 -25.47 -42.77
C PHE B 290 3.56 -26.60 -42.13
N LEU B 291 2.91 -27.38 -41.25
CA LEU B 291 3.62 -28.47 -40.61
C LEU B 291 3.89 -29.63 -41.55
N SER B 292 3.07 -29.78 -42.60
CA SER B 292 3.23 -30.92 -43.50
C SER B 292 4.31 -30.71 -44.55
N ARG B 293 4.91 -29.52 -44.65
CA ARG B 293 6.10 -29.42 -45.50
C ARG B 293 7.30 -30.14 -44.90
N GLY B 294 7.22 -30.61 -43.66
CA GLY B 294 8.37 -31.19 -42.99
C GLY B 294 8.25 -32.65 -42.61
N ARG B 295 7.57 -33.44 -43.44
CA ARG B 295 7.45 -34.89 -43.29
C ARG B 295 6.55 -35.26 -42.12
N HIS B 296 5.86 -36.39 -42.26
CA HIS B 296 4.77 -36.77 -41.36
C HIS B 296 4.34 -38.17 -41.77
N HIS B 297 3.36 -38.72 -41.04
CA HIS B 297 2.79 -40.01 -41.37
C HIS B 297 1.96 -39.93 -42.65
N ALA C 1 13.01 -30.91 2.64
CA ALA C 1 12.01 -29.96 2.17
C ALA C 1 12.62 -28.60 1.84
N GLU C 2 11.95 -27.87 0.97
CA GLU C 2 12.39 -26.54 0.55
C GLU C 2 11.26 -25.54 0.78
N GLU C 3 11.53 -24.51 1.59
CA GLU C 3 10.52 -23.48 1.83
C GLU C 3 10.24 -22.64 0.59
N PHE C 4 11.22 -22.47 -0.30
CA PHE C 4 11.10 -21.65 -1.51
C PHE C 4 11.69 -22.39 -2.70
N PRO C 5 11.13 -22.20 -3.90
CA PRO C 5 11.63 -22.94 -5.06
C PRO C 5 13.01 -22.47 -5.50
N VAL C 6 13.89 -23.43 -5.71
CA VAL C 6 15.27 -23.20 -6.12
C VAL C 6 15.27 -22.86 -7.60
N PRO C 7 16.02 -21.86 -8.05
CA PRO C 7 16.12 -21.60 -9.49
C PRO C 7 16.78 -22.77 -10.19
N ASN C 8 16.37 -22.98 -11.45
CA ASN C 8 16.96 -24.06 -12.25
C ASN C 8 18.47 -23.94 -12.27
N GLY C 9 19.15 -25.05 -12.04
CA GLY C 9 20.60 -25.07 -12.06
C GLY C 9 21.27 -24.72 -10.74
N PHE C 10 20.49 -24.39 -9.72
CA PHE C 10 21.01 -24.12 -8.39
C PHE C 10 20.75 -25.32 -7.48
N GLU C 11 21.51 -25.39 -6.40
CA GLU C 11 21.35 -26.44 -5.40
C GLU C 11 21.06 -25.82 -4.04
N SER C 12 20.18 -26.47 -3.29
CA SER C 12 19.92 -26.14 -1.90
C SER C 12 20.69 -27.11 -1.02
N ALA C 13 21.50 -26.57 -0.11
CA ALA C 13 22.38 -27.40 0.70
C ALA C 13 22.57 -26.76 2.07
N TYR C 14 23.31 -27.44 2.92
CA TYR C 14 23.58 -26.98 4.27
C TYR C 14 25.06 -27.17 4.57
N ARG C 15 25.56 -26.31 5.45
CA ARG C 15 26.93 -26.43 5.91
C ARG C 15 26.99 -26.09 7.39
N GLU C 16 27.58 -26.98 8.17
CA GLU C 16 27.82 -26.71 9.59
C GLU C 16 28.98 -25.75 9.75
N VAL C 17 28.75 -24.65 10.46
CA VAL C 17 29.77 -23.63 10.73
C VAL C 17 29.73 -23.35 12.23
N ASP C 18 30.84 -23.63 12.92
CA ASP C 18 30.92 -23.45 14.37
C ASP C 18 29.69 -24.04 15.08
N GLY C 19 29.30 -25.24 14.68
CA GLY C 19 28.21 -25.95 15.32
C GLY C 19 26.82 -25.52 14.93
N VAL C 20 26.68 -24.65 13.93
CA VAL C 20 25.37 -24.15 13.49
C VAL C 20 25.18 -24.57 12.04
N LYS C 21 24.04 -25.19 11.76
CA LYS C 21 23.76 -25.69 10.42
C LYS C 21 23.13 -24.56 9.61
N LEU C 22 23.87 -24.04 8.64
CA LEU C 22 23.42 -22.93 7.80
C LEU C 22 22.88 -23.45 6.48
N HIS C 23 21.69 -22.98 6.08
CA HIS C 23 21.14 -23.28 4.78
C HIS C 23 21.60 -22.26 3.77
N TYR C 24 21.86 -22.72 2.54
CA TYR C 24 22.20 -21.78 1.47
C TYR C 24 21.75 -22.36 0.14
N VAL C 25 21.66 -21.48 -0.86
CA VAL C 25 21.41 -21.88 -2.23
C VAL C 25 22.59 -21.38 -3.07
N LYS C 26 23.10 -22.26 -3.93
CA LYS C 26 24.35 -22.00 -4.62
C LYS C 26 24.26 -22.42 -6.08
N GLY C 27 24.87 -21.62 -6.95
CA GLY C 27 24.99 -22.01 -8.35
C GLY C 27 26.00 -21.13 -9.06
N GLY C 28 26.32 -21.51 -10.29
CA GLY C 28 27.21 -20.71 -11.10
C GLY C 28 28.66 -21.12 -10.98
N GLN C 29 29.50 -20.36 -11.69
CA GLN C 29 30.94 -20.61 -11.77
C GLN C 29 31.68 -19.27 -11.81
N GLY C 30 32.89 -19.27 -11.27
CA GLY C 30 33.69 -18.06 -11.22
C GLY C 30 33.92 -17.59 -9.80
N PRO C 31 34.42 -16.36 -9.66
CA PRO C 31 34.62 -15.81 -8.31
C PRO C 31 33.32 -15.81 -7.52
N LEU C 32 33.45 -15.87 -6.20
CA LEU C 32 32.30 -16.01 -5.32
C LEU C 32 31.65 -14.67 -5.02
N VAL C 33 30.32 -14.65 -5.10
CA VAL C 33 29.51 -13.56 -4.56
C VAL C 33 28.55 -14.16 -3.54
N MET C 34 28.51 -13.57 -2.34
CA MET C 34 27.57 -13.96 -1.31
C MET C 34 26.49 -12.89 -1.18
N LEU C 35 25.22 -13.30 -1.22
CA LEU C 35 24.07 -12.40 -1.13
C LEU C 35 23.39 -12.66 0.20
N VAL C 36 23.20 -11.62 1.02
CA VAL C 36 22.70 -11.78 2.39
C VAL C 36 21.41 -10.98 2.57
N HIS C 37 20.31 -11.70 2.84
CA HIS C 37 18.96 -11.15 2.95
C HIS C 37 18.75 -10.42 4.28
N GLY C 38 17.54 -9.86 4.44
CA GLY C 38 17.18 -9.15 5.65
C GLY C 38 15.90 -9.60 6.32
N PHE C 39 15.39 -8.75 7.22
CA PHE C 39 14.23 -9.10 8.03
C PHE C 39 12.99 -9.33 7.18
N GLY C 40 12.22 -10.33 7.55
CA GLY C 40 10.98 -10.64 6.88
C GLY C 40 11.15 -11.54 5.70
N GLN C 41 12.38 -11.85 5.32
CA GLN C 41 12.64 -12.57 4.09
C GLN C 41 13.71 -13.65 4.35
N THR C 42 14.17 -14.25 3.26
CA THR C 42 15.13 -15.35 3.28
C THR C 42 15.99 -15.18 2.04
N TRP C 43 16.80 -16.21 1.74
CA TRP C 43 17.59 -16.22 0.51
C TRP C 43 16.74 -15.90 -0.71
N TYR C 44 15.45 -16.26 -0.67
CA TYR C 44 14.60 -16.17 -1.85
C TYR C 44 14.45 -14.75 -2.36
N GLU C 45 14.70 -13.73 -1.55
CA GLU C 45 14.58 -12.38 -2.11
C GLU C 45 15.55 -12.17 -3.28
N TRP C 46 16.62 -12.96 -3.36
CA TRP C 46 17.61 -12.86 -4.41
C TRP C 46 17.34 -13.76 -5.61
N HIS C 47 16.20 -14.46 -5.65
CA HIS C 47 16.08 -15.54 -6.65
C HIS C 47 16.01 -15.03 -8.10
N GLN C 48 15.65 -13.77 -8.33
CA GLN C 48 15.65 -13.27 -9.70
C GLN C 48 17.02 -12.73 -10.12
N LEU C 49 17.79 -12.22 -9.16
CA LEU C 49 19.15 -11.77 -9.43
C LEU C 49 20.11 -12.94 -9.61
N MET C 50 19.89 -14.04 -8.87
CA MET C 50 20.87 -15.13 -8.85
C MET C 50 21.19 -15.73 -10.21
N PRO C 51 20.22 -16.07 -11.07
CA PRO C 51 20.59 -16.68 -12.36
C PRO C 51 21.42 -15.78 -13.25
N GLU C 52 21.20 -14.46 -13.18
CA GLU C 52 21.98 -13.53 -13.98
C GLU C 52 23.42 -13.44 -13.47
N LEU C 53 23.58 -13.33 -12.15
CA LEU C 53 24.92 -13.33 -11.58
C LEU C 53 25.65 -14.64 -11.84
N ALA C 54 24.93 -15.76 -11.82
CA ALA C 54 25.58 -17.06 -11.97
C ALA C 54 26.21 -17.28 -13.35
N LYS C 55 25.92 -16.41 -14.32
CA LYS C 55 26.59 -16.52 -15.61
C LYS C 55 28.04 -16.07 -15.54
N ARG C 56 28.39 -15.31 -14.51
CA ARG C 56 29.74 -14.75 -14.34
C ARG C 56 30.38 -15.09 -13.01
N PHE C 57 29.63 -15.53 -12.02
CA PHE C 57 30.12 -15.73 -10.66
C PHE C 57 29.58 -17.04 -10.11
N THR C 58 30.30 -17.57 -9.12
CA THR C 58 29.68 -18.53 -8.22
C THR C 58 28.86 -17.74 -7.20
N VAL C 59 27.57 -18.07 -7.07
CA VAL C 59 26.64 -17.30 -6.26
C VAL C 59 26.20 -18.15 -5.08
N ILE C 60 26.30 -17.61 -3.86
CA ILE C 60 25.76 -18.29 -2.69
CA ILE C 60 25.77 -18.29 -2.68
C ILE C 60 24.85 -17.33 -1.93
N ALA C 61 23.67 -17.83 -1.57
CA ALA C 61 22.69 -17.03 -0.83
C ALA C 61 22.30 -17.80 0.44
N PRO C 62 22.88 -17.45 1.59
CA PRO C 62 22.55 -18.16 2.82
C PRO C 62 21.29 -17.61 3.49
N ASP C 63 20.65 -18.46 4.30
CA ASP C 63 19.67 -17.97 5.26
C ASP C 63 20.39 -17.53 6.53
N LEU C 64 20.04 -16.34 7.03
CA LEU C 64 20.63 -15.85 8.28
C LEU C 64 20.34 -16.82 9.41
N PRO C 65 21.24 -16.94 10.38
CA PRO C 65 21.00 -17.83 11.52
C PRO C 65 19.62 -17.63 12.14
N GLY C 66 18.88 -18.74 12.29
CA GLY C 66 17.56 -18.75 12.85
C GLY C 66 16.44 -18.47 11.87
N LEU C 67 16.77 -17.91 10.71
CA LEU C 67 15.79 -17.56 9.70
C LEU C 67 15.86 -18.55 8.55
N GLY C 68 14.80 -18.56 7.73
CA GLY C 68 14.76 -19.53 6.64
C GLY C 68 14.96 -20.93 7.20
N GLN C 69 15.88 -21.69 6.60
CA GLN C 69 16.17 -23.06 7.02
C GLN C 69 17.50 -23.15 7.78
N SER C 70 18.01 -22.04 8.29
CA SER C 70 19.25 -22.05 9.08
C SER C 70 18.96 -22.15 10.57
N GLU C 71 19.80 -22.91 11.26
CA GLU C 71 19.70 -23.01 12.72
C GLU C 71 20.04 -21.69 13.39
N PRO C 72 19.48 -21.42 14.57
CA PRO C 72 19.85 -20.23 15.32
C PRO C 72 21.33 -20.22 15.65
N PRO C 73 21.90 -19.03 15.87
CA PRO C 73 23.31 -18.96 16.28
C PRO C 73 23.47 -19.50 17.68
N LYS C 74 24.65 -20.04 17.96
CA LYS C 74 24.95 -20.53 19.29
C LYS C 74 25.66 -19.49 20.16
N THR C 75 26.31 -18.50 19.56
CA THR C 75 26.97 -17.44 20.33
C THR C 75 25.97 -16.34 20.68
N GLY C 76 25.41 -15.68 19.67
CA GLY C 76 24.45 -14.62 19.88
C GLY C 76 24.12 -13.94 18.57
N TYR C 77 23.31 -12.89 18.67
CA TYR C 77 22.72 -12.25 17.51
C TYR C 77 23.31 -10.88 17.21
N SER C 78 24.34 -10.47 17.94
CA SER C 78 24.98 -9.20 17.60
C SER C 78 25.69 -9.33 16.27
N GLY C 79 25.92 -8.18 15.63
CA GLY C 79 26.53 -8.20 14.30
C GLY C 79 27.88 -8.91 14.27
N GLU C 80 28.71 -8.67 15.28
CA GLU C 80 30.04 -9.28 15.29
C GLU C 80 29.94 -10.79 15.45
N GLN C 81 28.98 -11.26 16.25
CA GLN C 81 28.80 -12.70 16.44
C GLN C 81 28.28 -13.37 15.16
N VAL C 82 27.25 -12.78 14.54
CA VAL C 82 26.67 -13.42 13.37
C VAL C 82 27.63 -13.35 12.19
N ALA C 83 28.40 -12.26 12.10
CA ALA C 83 29.31 -12.11 10.97
C ALA C 83 30.34 -13.23 10.92
N VAL C 84 30.69 -13.81 12.08
CA VAL C 84 31.65 -14.91 12.07
C VAL C 84 31.10 -16.10 11.27
N TYR C 85 29.83 -16.42 11.48
CA TYR C 85 29.24 -17.53 10.73
C TYR C 85 29.29 -17.27 9.24
N LEU C 86 28.91 -16.07 8.83
CA LEU C 86 28.83 -15.77 7.41
C LEU C 86 30.22 -15.68 6.78
N HIS C 87 31.20 -15.12 7.49
CA HIS C 87 32.55 -15.06 6.95
C HIS C 87 33.12 -16.46 6.76
N LYS C 88 32.98 -17.32 7.77
CA LYS C 88 33.51 -18.68 7.66
C LYS C 88 32.80 -19.47 6.56
N LEU C 89 31.48 -19.28 6.41
CA LEU C 89 30.76 -19.95 5.33
C LEU C 89 31.31 -19.56 3.98
N ALA C 90 31.45 -18.26 3.74
CA ALA C 90 31.99 -17.79 2.46
C ALA C 90 33.38 -18.33 2.21
N ARG C 91 34.23 -18.32 3.25
CA ARG C 91 35.61 -18.76 3.06
C ARG C 91 35.72 -20.26 2.83
N GLN C 92 34.72 -21.05 3.19
CA GLN C 92 34.72 -22.46 2.83
CA GLN C 92 34.77 -22.46 2.82
C GLN C 92 34.68 -22.64 1.31
N PHE C 93 33.96 -21.75 0.62
CA PHE C 93 33.83 -21.83 -0.82
C PHE C 93 34.83 -20.96 -1.57
N SER C 94 35.46 -19.99 -0.88
CA SER C 94 36.49 -19.15 -1.49
C SER C 94 37.65 -19.01 -0.52
N PRO C 95 38.39 -20.08 -0.25
CA PRO C 95 39.44 -20.03 0.78
C PRO C 95 40.69 -19.27 0.36
N ASP C 96 40.93 -19.11 -0.94
CA ASP C 96 42.20 -18.57 -1.44
C ASP C 96 42.03 -17.31 -2.26
N ARG C 97 40.84 -16.75 -2.35
CA ARG C 97 40.58 -15.55 -3.14
C ARG C 97 39.53 -14.72 -2.43
N PRO C 98 39.62 -13.39 -2.54
CA PRO C 98 38.55 -12.55 -2.00
C PRO C 98 37.24 -12.80 -2.72
N PHE C 99 36.14 -12.52 -2.03
CA PHE C 99 34.79 -12.71 -2.56
C PHE C 99 34.03 -11.39 -2.52
N ASP C 100 32.95 -11.32 -3.28
CA ASP C 100 32.08 -10.14 -3.27
C ASP C 100 30.92 -10.35 -2.30
N LEU C 101 30.35 -9.23 -1.84
CA LEU C 101 29.28 -9.26 -0.86
C LEU C 101 28.17 -8.30 -1.24
N VAL C 102 26.92 -8.79 -1.23
CA VAL C 102 25.73 -7.95 -1.39
C VAL C 102 24.84 -8.21 -0.19
N ALA C 103 24.36 -7.14 0.45
CA ALA C 103 23.55 -7.34 1.66
C ALA C 103 22.41 -6.32 1.72
N HIS C 104 21.28 -6.76 2.26
CA HIS C 104 20.05 -5.99 2.32
C HIS C 104 19.60 -5.94 3.77
N ASP C 105 19.25 -4.75 4.27
CA ASP C 105 18.59 -4.60 5.58
C ASP C 105 19.50 -5.19 6.65
N ILE C 106 19.01 -6.06 7.55
CA ILE C 106 19.86 -6.56 8.63
C ILE C 106 20.98 -7.44 8.12
N GLY C 107 20.97 -7.82 6.84
CA GLY C 107 22.16 -8.41 6.24
C GLY C 107 23.37 -7.51 6.36
N ILE C 108 23.16 -6.18 6.36
CA ILE C 108 24.25 -5.23 6.59
C ILE C 108 24.78 -5.36 8.00
N TRP C 109 23.87 -5.40 8.98
CA TRP C 109 24.28 -5.50 10.37
C TRP C 109 25.13 -6.74 10.59
N ASN C 110 24.76 -7.82 9.92
CA ASN C 110 25.34 -9.13 10.15
C ASN C 110 26.56 -9.40 9.29
N THR C 111 26.99 -8.42 8.48
CA THR C 111 28.19 -8.57 7.68
C THR C 111 29.22 -7.48 7.91
N TYR C 112 28.80 -6.26 8.29
CA TYR C 112 29.78 -5.19 8.42
C TYR C 112 30.97 -5.58 9.30
N PRO C 113 30.81 -6.23 10.46
CA PRO C 113 32.02 -6.56 11.25
C PRO C 113 33.00 -7.46 10.52
N MET C 114 32.54 -8.44 9.75
CA MET C 114 33.55 -9.28 9.12
C MET C 114 34.18 -8.60 7.92
N VAL C 115 33.49 -7.63 7.31
CA VAL C 115 34.12 -6.86 6.24
C VAL C 115 35.26 -6.01 6.79
N VAL C 116 35.00 -5.31 7.90
CA VAL C 116 36.02 -4.39 8.42
C VAL C 116 37.16 -5.16 9.07
N LYS C 117 36.90 -6.35 9.62
CA LYS C 117 37.97 -7.12 10.25
C LYS C 117 38.74 -8.01 9.27
N ASN C 118 38.23 -8.19 8.05
CA ASN C 118 38.87 -9.07 7.06
C ASN C 118 38.84 -8.39 5.69
N GLN C 119 39.36 -7.16 5.62
CA GLN C 119 39.16 -6.37 4.40
C GLN C 119 39.77 -7.04 3.18
N ALA C 120 40.90 -7.75 3.34
CA ALA C 120 41.52 -8.39 2.20
C ALA C 120 40.67 -9.53 1.63
N ASP C 121 39.69 -10.01 2.39
CA ASP C 121 38.81 -11.07 1.91
C ASP C 121 37.64 -10.56 1.09
N ILE C 122 37.38 -9.26 1.07
CA ILE C 122 36.21 -8.67 0.42
C ILE C 122 36.69 -7.87 -0.79
N ALA C 123 36.35 -8.34 -2.00
CA ALA C 123 36.78 -7.64 -3.21
C ALA C 123 35.93 -6.41 -3.49
N ARG C 124 34.60 -6.57 -3.48
CA ARG C 124 33.66 -5.49 -3.75
C ARG C 124 32.44 -5.70 -2.86
N LEU C 125 31.77 -4.60 -2.51
CA LEU C 125 30.71 -4.59 -1.51
CA LEU C 125 30.69 -4.62 -1.53
C LEU C 125 29.51 -3.80 -2.03
N VAL C 126 28.31 -4.34 -1.84
CA VAL C 126 27.06 -3.63 -2.17
C VAL C 126 26.15 -3.71 -0.96
N TYR C 127 25.78 -2.56 -0.41
CA TYR C 127 24.87 -2.49 0.72
C TYR C 127 23.58 -1.74 0.33
N MET C 128 22.43 -2.25 0.76
CA MET C 128 21.16 -1.58 0.44
C MET C 128 20.18 -1.59 1.60
N GLN C 129 19.53 -0.44 1.81
CA GLN C 129 18.33 -0.31 2.63
C GLN C 129 18.50 -0.77 4.08
N ALA C 130 19.45 -0.15 4.77
CA ALA C 130 19.46 -0.18 6.23
C ALA C 130 20.62 0.66 6.73
N PRO C 131 20.49 1.30 7.89
CA PRO C 131 21.66 1.90 8.53
C PRO C 131 22.63 0.83 9.02
N ILE C 132 23.93 1.10 8.84
CA ILE C 132 24.91 0.38 9.66
C ILE C 132 24.64 0.75 11.11
N PRO C 133 24.66 -0.21 12.05
CA PRO C 133 24.36 0.16 13.44
C PRO C 133 25.39 1.12 14.03
N ASP C 134 24.94 2.34 14.31
CA ASP C 134 25.77 3.36 14.96
C ASP C 134 24.84 4.39 15.58
N ALA C 135 25.44 5.45 16.14
CA ALA C 135 24.65 6.45 16.86
C ALA C 135 23.61 7.14 16.00
N ARG C 136 23.73 7.09 14.66
CA ARG C 136 22.73 7.72 13.82
C ARG C 136 21.36 7.10 14.02
N ILE C 137 21.29 5.83 14.43
CA ILE C 137 19.98 5.20 14.54
C ILE C 137 19.16 5.82 15.66
N TYR C 138 19.81 6.45 16.63
CA TYR C 138 19.09 7.12 17.70
C TYR C 138 18.51 8.47 17.27
N ARG C 139 18.76 8.89 16.03
CA ARG C 139 18.24 10.17 15.56
C ARG C 139 17.00 10.02 14.67
N PHE C 140 16.64 8.80 14.32
CA PHE C 140 15.42 8.60 13.53
C PHE C 140 14.20 8.89 14.39
N PRO C 141 13.14 9.46 13.81
CA PRO C 141 11.97 9.85 14.61
C PRO C 141 11.02 8.69 14.89
N ALA C 142 10.33 8.80 16.03
CA ALA C 142 9.32 7.83 16.40
C ALA C 142 8.06 8.00 15.57
N PHE C 143 7.77 9.21 15.10
CA PHE C 143 6.49 9.53 14.48
C PHE C 143 6.72 10.68 13.50
N THR C 144 6.09 10.61 12.33
CA THR C 144 6.33 11.65 11.33
C THR C 144 5.04 12.36 10.94
N ALA C 145 5.20 13.51 10.28
N ALA C 145 5.21 13.55 10.37
CA ALA C 145 4.06 14.30 9.84
CA ALA C 145 4.07 14.37 9.96
C ALA C 145 3.20 13.55 8.82
C ALA C 145 3.45 13.85 8.68
N GLN C 146 3.66 12.41 8.30
N GLN C 146 4.27 13.30 7.80
CA GLN C 146 2.87 11.56 7.43
CA GLN C 146 3.85 12.75 6.52
C GLN C 146 2.25 10.38 8.16
C GLN C 146 4.39 11.34 6.41
N GLY C 147 2.83 9.98 9.30
N GLY C 147 3.63 10.47 5.74
CA GLY C 147 2.38 8.86 10.09
CA GLY C 147 4.05 9.10 5.63
C GLY C 147 3.49 8.01 10.66
C GLY C 147 4.11 8.46 7.01
N GLU C 148 3.38 6.69 10.55
N GLU C 148 5.10 7.59 7.20
CA GLU C 148 4.37 5.82 11.17
CA GLU C 148 5.23 6.83 8.42
C GLU C 148 5.73 5.97 10.48
C GLU C 148 6.69 6.74 8.83
N SER C 149 6.79 5.99 11.30
N SER C 149 6.92 6.75 10.14
CA SER C 149 8.14 6.29 10.82
CA SER C 149 8.25 6.49 10.70
C SER C 149 8.82 5.04 10.27
C SER C 149 8.80 5.16 10.21
N LEU C 150 10.01 5.22 9.69
CA LEU C 150 10.68 4.08 9.07
C LEU C 150 11.08 3.02 10.10
N VAL C 151 11.51 3.42 11.30
CA VAL C 151 12.16 2.45 12.17
C VAL C 151 11.59 2.42 13.58
N TRP C 152 10.32 2.83 13.75
CA TRP C 152 9.70 2.63 15.05
C TRP C 152 9.68 1.15 15.42
N HIS C 153 9.71 0.25 14.44
CA HIS C 153 9.74 -1.18 14.74
C HIS C 153 11.00 -1.60 15.48
N PHE C 154 12.08 -0.80 15.43
CA PHE C 154 13.25 -1.12 16.25
C PHE C 154 12.85 -1.28 17.71
N SER C 155 12.07 -0.33 18.23
CA SER C 155 11.66 -0.39 19.63
C SER C 155 10.68 -1.54 19.86
N PHE C 156 9.71 -1.71 18.96
CA PHE C 156 8.74 -2.80 19.09
C PHE C 156 9.45 -4.14 19.19
N PHE C 157 10.39 -4.40 18.28
CA PHE C 157 11.05 -5.69 18.20
C PHE C 157 12.05 -5.88 19.33
N ALA C 158 12.63 -4.78 19.82
CA ALA C 158 13.63 -4.88 20.88
C ALA C 158 13.01 -4.92 22.28
N ALA C 159 11.71 -4.66 22.40
CA ALA C 159 11.07 -4.55 23.72
C ALA C 159 11.15 -5.87 24.49
N ASP C 160 11.21 -5.76 25.82
CA ASP C 160 11.29 -6.88 26.73
CA ASP C 160 11.33 -6.96 26.62
C ASP C 160 9.96 -7.63 26.77
N ASP C 161 9.90 -8.65 27.64
CA ASP C 161 8.69 -9.45 27.87
C ASP C 161 8.26 -10.22 26.62
N ARG C 162 9.17 -10.40 25.65
CA ARG C 162 8.80 -11.01 24.37
C ARG C 162 7.56 -10.34 23.78
N LEU C 163 7.51 -9.01 23.90
CA LEU C 163 6.33 -8.28 23.45
C LEU C 163 5.96 -8.62 22.00
N ALA C 164 6.93 -8.54 21.09
CA ALA C 164 6.61 -8.70 19.67
C ALA C 164 6.17 -10.13 19.36
N GLU C 165 6.91 -11.15 19.85
CA GLU C 165 6.48 -12.53 19.58
C GLU C 165 5.12 -12.81 20.18
N THR C 166 4.86 -12.27 21.38
CA THR C 166 3.61 -12.59 22.04
C THR C 166 2.43 -12.02 21.28
N LEU C 167 2.59 -10.80 20.74
CA LEU C 167 1.50 -10.21 19.98
C LEU C 167 1.39 -10.79 18.58
N ILE C 168 2.51 -11.17 17.96
CA ILE C 168 2.47 -11.55 16.55
C ILE C 168 2.26 -13.05 16.33
N ALA C 169 2.61 -13.90 17.30
CA ALA C 169 2.37 -15.33 17.14
C ALA C 169 0.91 -15.61 16.80
N GLY C 170 0.69 -16.44 15.79
CA GLY C 170 -0.64 -16.71 15.31
C GLY C 170 -1.18 -15.69 14.33
N LYS C 171 -0.52 -14.53 14.21
CA LYS C 171 -0.93 -13.46 13.30
C LYS C 171 0.22 -13.09 12.37
N GLU C 172 1.11 -14.06 12.11
CA GLU C 172 2.34 -13.76 11.40
C GLU C 172 2.07 -13.31 9.97
N ARG C 173 1.08 -13.94 9.32
CA ARG C 173 0.77 -13.62 7.93
C ARG C 173 0.16 -12.22 7.81
N PHE C 174 -0.74 -11.88 8.73
CA PHE C 174 -1.28 -10.52 8.78
C PHE C 174 -0.18 -9.51 9.02
N PHE C 175 0.67 -9.76 10.03
CA PHE C 175 1.67 -8.76 10.37
C PHE C 175 2.66 -8.56 9.24
N LEU C 176 3.10 -9.66 8.61
CA LEU C 176 4.14 -9.51 7.60
C LEU C 176 3.62 -8.79 6.37
N GLU C 177 2.35 -9.01 5.98
CA GLU C 177 1.81 -8.24 4.86
C GLU C 177 1.76 -6.75 5.19
N HIS C 178 1.33 -6.41 6.41
CA HIS C 178 1.33 -5.00 6.78
C HIS C 178 2.74 -4.44 6.80
N PHE C 179 3.69 -5.14 7.43
CA PHE C 179 5.05 -4.63 7.51
C PHE C 179 5.65 -4.42 6.13
N ILE C 180 5.53 -5.42 5.26
CA ILE C 180 6.15 -5.31 3.94
C ILE C 180 5.51 -4.19 3.13
N LYS C 181 4.18 -4.16 3.07
CA LYS C 181 3.54 -3.13 2.25
C LYS C 181 3.73 -1.73 2.79
N SER C 182 3.77 -1.57 4.13
CA SER C 182 3.99 -0.24 4.70
CA SER C 182 3.99 -0.24 4.71
C SER C 182 5.38 0.29 4.43
N HIS C 183 6.33 -0.58 4.08
CA HIS C 183 7.68 -0.20 3.72
C HIS C 183 7.93 -0.25 2.22
N ALA C 184 6.88 -0.33 1.41
CA ALA C 184 7.00 -0.45 -0.03
C ALA C 184 6.42 0.77 -0.74
N SER C 185 6.96 1.02 -1.95
CA SER C 185 6.36 1.94 -2.90
C SER C 185 5.52 1.19 -3.92
N ASN C 186 6.10 0.15 -4.52
CA ASN C 186 5.43 -0.69 -5.51
C ASN C 186 4.88 -1.92 -4.78
N THR C 187 3.75 -1.71 -4.10
CA THR C 187 3.18 -2.77 -3.27
C THR C 187 2.66 -3.94 -4.09
N GLU C 188 2.34 -3.70 -5.37
CA GLU C 188 1.67 -4.71 -6.18
C GLU C 188 2.51 -5.97 -6.40
N VAL C 189 3.84 -5.89 -6.24
CA VAL C 189 4.65 -7.08 -6.44
C VAL C 189 4.47 -8.08 -5.31
N PHE C 190 3.88 -7.66 -4.19
CA PHE C 190 3.70 -8.57 -3.06
C PHE C 190 2.33 -9.23 -3.15
N SER C 191 2.27 -10.20 -4.05
CA SER C 191 1.08 -11.02 -4.21
C SER C 191 0.78 -11.80 -2.94
N GLU C 192 -0.48 -12.21 -2.82
CA GLU C 192 -0.86 -13.05 -1.69
C GLU C 192 -0.05 -14.34 -1.68
N ARG C 193 0.24 -14.89 -2.86
CA ARG C 193 1.06 -16.10 -2.99
C ARG C 193 2.46 -15.90 -2.44
N LEU C 194 3.12 -14.79 -2.82
CA LEU C 194 4.47 -14.53 -2.35
C LEU C 194 4.49 -14.26 -0.84
N LEU C 195 3.52 -13.50 -0.34
CA LEU C 195 3.43 -13.25 1.08
C LEU C 195 3.20 -14.53 1.86
N ASP C 196 2.41 -15.46 1.31
CA ASP C 196 2.21 -16.75 1.96
C ASP C 196 3.55 -17.47 2.16
N LEU C 197 4.41 -17.46 1.13
CA LEU C 197 5.70 -18.14 1.23
C LEU C 197 6.57 -17.55 2.33
N TYR C 198 6.69 -16.22 2.35
CA TYR C 198 7.54 -15.61 3.35
C TYR C 198 6.94 -15.78 4.75
N ALA C 199 5.61 -15.68 4.87
CA ALA C 199 5.03 -15.77 6.21
C ALA C 199 5.19 -17.16 6.80
N ARG C 200 5.07 -18.21 5.98
CA ARG C 200 5.17 -19.56 6.51
C ARG C 200 6.57 -19.81 7.07
N SER C 201 7.58 -19.20 6.47
CA SER C 201 8.95 -19.39 6.95
C SER C 201 9.16 -18.68 8.28
N TYR C 202 8.80 -17.40 8.36
CA TYR C 202 9.15 -16.73 9.60
C TYR C 202 8.17 -17.05 10.73
N ALA C 203 7.08 -17.76 10.45
CA ALA C 203 6.17 -18.19 11.51
C ALA C 203 6.67 -19.42 12.27
N LYS C 204 7.70 -20.11 11.78
CA LYS C 204 8.32 -21.12 12.62
C LYS C 204 8.71 -20.46 13.92
N PRO C 205 8.31 -21.01 15.08
CA PRO C 205 8.54 -20.27 16.34
C PRO C 205 9.98 -19.83 16.56
N HIS C 206 10.97 -20.69 16.24
CA HIS C 206 12.35 -20.26 16.44
C HIS C 206 12.74 -19.16 15.47
N SER C 207 12.08 -19.09 14.30
CA SER C 207 12.39 -18.04 13.33
C SER C 207 11.73 -16.72 13.72
N LEU C 208 10.50 -16.77 14.24
CA LEU C 208 9.88 -15.55 14.75
C LEU C 208 10.73 -14.96 15.87
N ASN C 209 11.17 -15.79 16.80
CA ASN C 209 12.02 -15.29 17.88
C ASN C 209 13.36 -14.81 17.35
N ALA C 210 14.00 -15.59 16.49
CA ALA C 210 15.29 -15.17 15.95
C ALA C 210 15.17 -13.80 15.29
N SER C 211 14.09 -13.59 14.52
CA SER C 211 13.89 -12.30 13.84
C SER C 211 14.07 -11.15 14.81
N PHE C 212 13.44 -11.23 15.98
CA PHE C 212 13.47 -10.12 16.90
C PHE C 212 14.73 -10.07 17.73
N GLU C 213 15.43 -11.21 17.89
CA GLU C 213 16.68 -11.20 18.63
C GLU C 213 17.74 -10.34 17.94
N TYR C 214 17.68 -10.21 16.60
CA TYR C 214 18.60 -9.30 15.92
C TYR C 214 18.41 -7.88 16.40
N TYR C 215 17.16 -7.49 16.69
CA TYR C 215 16.88 -6.15 17.18
C TYR C 215 17.20 -6.01 18.66
N ARG C 216 17.00 -7.07 19.43
CA ARG C 216 17.38 -7.06 20.82
C ARG C 216 18.90 -6.94 21.00
N ALA C 217 19.67 -7.25 19.96
CA ALA C 217 21.11 -7.12 20.00
C ALA C 217 21.61 -5.86 19.31
N LEU C 218 20.70 -5.02 18.81
CA LEU C 218 21.11 -3.86 18.03
C LEU C 218 21.97 -2.90 18.82
N ASN C 219 21.64 -2.63 20.09
CA ASN C 219 22.46 -1.70 20.87
C ASN C 219 23.85 -2.26 21.11
N GLU C 220 23.96 -3.58 21.31
CA GLU C 220 25.28 -4.20 21.38
C GLU C 220 26.04 -4.04 20.07
N SER C 221 25.35 -4.20 18.94
CA SER C 221 26.01 -4.02 17.65
C SER C 221 26.51 -2.59 17.47
N VAL C 222 25.73 -1.61 17.93
CA VAL C 222 26.18 -0.21 17.91
C VAL C 222 27.48 -0.06 18.70
N ARG C 223 27.51 -0.64 19.90
CA ARG C 223 28.69 -0.53 20.73
C ARG C 223 29.90 -1.22 20.09
N GLN C 224 29.68 -2.39 19.46
CA GLN C 224 30.74 -3.06 18.73
C GLN C 224 31.27 -2.18 17.60
N ASN C 225 30.36 -1.59 16.84
CA ASN C 225 30.76 -0.85 15.65
C ASN C 225 31.44 0.47 15.97
N ALA C 226 31.21 1.04 17.16
CA ALA C 226 31.92 2.25 17.56
C ALA C 226 33.43 2.01 17.60
N GLU C 227 33.85 0.80 17.96
CA GLU C 227 35.26 0.46 17.93
C GLU C 227 35.71 0.10 16.52
N LEU C 228 34.94 -0.73 15.82
CA LEU C 228 35.38 -1.22 14.51
C LEU C 228 35.51 -0.08 13.51
N ALA C 229 34.64 0.92 13.58
CA ALA C 229 34.61 1.97 12.58
C ALA C 229 35.82 2.89 12.66
N LYS C 230 36.74 2.67 13.60
CA LYS C 230 37.97 3.45 13.61
C LYS C 230 38.85 3.15 12.41
N THR C 231 38.55 2.10 11.65
CA THR C 231 39.21 1.78 10.39
C THR C 231 38.19 1.84 9.27
N ARG C 232 38.44 2.70 8.28
CA ARG C 232 37.55 2.82 7.14
C ARG C 232 37.70 1.65 6.18
N LEU C 233 36.61 1.36 5.46
CA LEU C 233 36.62 0.35 4.42
C LEU C 233 37.39 0.85 3.20
N GLN C 234 38.26 0.01 2.64
CA GLN C 234 39.14 0.40 1.55
C GLN C 234 38.72 -0.11 0.18
N MET C 235 37.82 -1.09 0.12
CA MET C 235 37.45 -1.74 -1.14
C MET C 235 36.31 -1.01 -1.83
N PRO C 236 36.13 -1.21 -3.14
CA PRO C 236 35.04 -0.52 -3.85
C PRO C 236 33.68 -0.92 -3.29
N THR C 237 32.87 0.10 -2.99
CA THR C 237 31.57 -0.08 -2.37
CA THR C 237 31.56 -0.14 -2.41
C THR C 237 30.50 0.65 -3.18
N MET C 238 29.29 0.09 -3.20
CA MET C 238 28.13 0.73 -3.80
C MET C 238 26.97 0.63 -2.82
N THR C 239 26.24 1.72 -2.65
CA THR C 239 25.01 1.70 -1.87
C THR C 239 23.81 1.87 -2.78
N LEU C 240 22.73 1.17 -2.46
CA LEU C 240 21.44 1.39 -3.09
C LEU C 240 20.39 1.71 -2.05
N ALA C 241 19.46 2.59 -2.41
CA ALA C 241 18.35 2.95 -1.54
C ALA C 241 17.14 3.24 -2.41
N GLY C 242 15.96 3.00 -1.87
CA GLY C 242 14.74 3.46 -2.51
C GLY C 242 14.49 4.94 -2.26
N GLY C 243 13.91 5.61 -3.27
CA GLY C 243 13.50 6.99 -3.12
C GLY C 243 12.02 7.18 -2.85
N GLY C 244 11.26 6.08 -2.95
CA GLY C 244 9.84 6.11 -2.68
C GLY C 244 9.51 5.77 -1.24
N HIS C 245 8.23 5.52 -1.00
CA HIS C 245 7.75 5.19 0.33
C HIS C 245 8.49 3.97 0.89
N GLY C 246 9.06 4.13 2.10
CA GLY C 246 9.84 3.07 2.71
C GLY C 246 11.33 3.12 2.40
N GLY C 247 11.73 3.99 1.49
CA GLY C 247 13.13 4.08 1.12
C GLY C 247 13.95 4.88 2.11
N MET C 248 15.23 4.52 2.20
CA MET C 248 16.18 5.27 3.00
C MET C 248 16.62 6.58 2.34
N GLY C 249 16.39 6.74 1.05
CA GLY C 249 16.76 7.97 0.38
C GLY C 249 18.25 8.24 0.47
N THR C 250 18.60 9.51 0.65
CA THR C 250 20.01 9.91 0.66
C THR C 250 20.77 9.44 1.91
N PHE C 251 20.07 8.97 2.94
CA PHE C 251 20.75 8.54 4.16
C PHE C 251 21.76 7.43 3.87
N GLN C 252 21.41 6.50 2.98
CA GLN C 252 22.24 5.31 2.80
C GLN C 252 23.65 5.69 2.36
N LEU C 253 23.76 6.53 1.32
CA LEU C 253 25.06 6.97 0.85
C LEU C 253 25.73 7.89 1.86
N GLU C 254 24.97 8.79 2.48
CA GLU C 254 25.59 9.78 3.36
C GLU C 254 26.23 9.12 4.57
N GLN C 255 25.56 8.11 5.16
CA GLN C 255 26.21 7.36 6.24
C GLN C 255 27.40 6.56 5.71
N MET C 256 27.27 5.94 4.53
CA MET C 256 28.36 5.09 4.05
C MET C 256 29.64 5.88 3.81
N LYS C 257 29.52 7.16 3.46
CA LYS C 257 30.71 7.98 3.24
C LYS C 257 31.56 8.10 4.51
N ALA C 258 30.96 7.94 5.69
CA ALA C 258 31.72 7.94 6.92
C ALA C 258 32.45 6.62 7.14
N TYR C 259 32.09 5.57 6.41
CA TYR C 259 32.67 4.25 6.57
C TYR C 259 33.58 3.82 5.44
N ALA C 260 33.45 4.38 4.25
CA ALA C 260 34.12 3.85 3.07
C ALA C 260 34.84 4.95 2.33
N GLU C 261 36.06 4.64 1.91
CA GLU C 261 36.86 5.58 1.11
C GLU C 261 36.38 5.65 -0.34
N ASP C 262 35.85 4.56 -0.87
CA ASP C 262 35.51 4.42 -2.30
C ASP C 262 34.05 3.98 -2.37
N VAL C 263 33.13 4.92 -2.51
CA VAL C 263 31.71 4.58 -2.51
C VAL C 263 30.98 5.40 -3.55
N GLU C 264 30.09 4.73 -4.27
CA GLU C 264 29.12 5.37 -5.13
C GLU C 264 27.74 4.94 -4.67
N GLY C 265 26.78 5.84 -4.81
CA GLY C 265 25.44 5.58 -4.30
C GLY C 265 24.38 5.88 -5.33
N HIS C 266 23.27 5.15 -5.22
CA HIS C 266 22.12 5.37 -6.08
C HIS C 266 20.85 5.35 -5.25
N VAL C 267 19.93 6.27 -5.56
CA VAL C 267 18.58 6.28 -5.03
C VAL C 267 17.64 5.96 -6.19
N LEU C 268 16.85 4.91 -6.03
CA LEU C 268 16.00 4.41 -7.11
C LEU C 268 14.61 5.01 -6.98
N PRO C 269 14.16 5.86 -7.90
CA PRO C 269 12.86 6.51 -7.72
C PRO C 269 11.72 5.52 -7.85
N GLY C 270 10.66 5.77 -7.08
CA GLY C 270 9.49 4.92 -7.15
C GLY C 270 9.67 3.55 -6.54
N CYS C 271 10.68 3.39 -5.70
CA CYS C 271 11.04 2.12 -5.09
C CYS C 271 11.18 2.33 -3.60
N GLY C 272 10.65 1.39 -2.81
CA GLY C 272 10.76 1.51 -1.37
C GLY C 272 11.87 0.69 -0.77
N HIS C 273 11.54 -0.10 0.24
CA HIS C 273 12.54 -0.89 0.93
C HIS C 273 12.95 -2.14 0.17
N TRP C 274 12.04 -2.74 -0.56
CA TRP C 274 12.22 -4.12 -1.05
C TRP C 274 12.75 -4.13 -2.47
N LEU C 275 13.96 -3.58 -2.64
CA LEU C 275 14.46 -3.29 -3.99
C LEU C 275 14.48 -4.52 -4.91
N PRO C 276 14.90 -5.71 -4.48
CA PRO C 276 14.96 -6.83 -5.44
C PRO C 276 13.60 -7.19 -6.04
N GLU C 277 12.51 -6.95 -5.32
CA GLU C 277 11.18 -7.28 -5.80
C GLU C 277 10.46 -6.08 -6.39
N GLU C 278 10.58 -4.90 -5.78
CA GLU C 278 9.87 -3.72 -6.25
C GLU C 278 10.47 -3.17 -7.52
N CYS C 279 11.78 -3.28 -7.68
CA CYS C 279 12.49 -2.63 -8.75
C CYS C 279 13.59 -3.55 -9.29
N ALA C 280 13.16 -4.75 -9.69
CA ALA C 280 14.10 -5.82 -10.07
C ALA C 280 15.00 -5.41 -11.23
N ALA C 281 14.44 -4.86 -12.29
CA ALA C 281 15.27 -4.56 -13.46
C ALA C 281 16.36 -3.53 -13.15
N PRO C 282 16.08 -2.34 -12.60
CA PRO C 282 17.20 -1.42 -12.37
C PRO C 282 18.12 -1.89 -11.27
N MET C 283 17.59 -2.51 -10.21
CA MET C 283 18.47 -2.97 -9.14
C MET C 283 19.40 -4.07 -9.61
N ASN C 284 18.86 -5.08 -10.32
CA ASN C 284 19.72 -6.16 -10.80
C ASN C 284 20.80 -5.61 -11.72
N ARG C 285 20.44 -4.66 -12.57
CA ARG C 285 21.41 -4.10 -13.51
C ARG C 285 22.53 -3.37 -12.76
N LEU C 286 22.17 -2.56 -11.77
CA LEU C 286 23.20 -1.84 -11.02
C LEU C 286 24.14 -2.82 -10.33
N VAL C 287 23.60 -3.90 -9.76
CA VAL C 287 24.45 -4.84 -9.02
C VAL C 287 25.35 -5.62 -9.98
N ILE C 288 24.79 -6.16 -11.06
CA ILE C 288 25.58 -6.93 -12.02
C ILE C 288 26.70 -6.08 -12.60
N ASP C 289 26.37 -4.84 -13.02
CA ASP C 289 27.39 -3.98 -13.61
C ASP C 289 28.50 -3.66 -12.61
N PHE C 290 28.12 -3.36 -11.36
CA PHE C 290 29.13 -2.97 -10.39
C PHE C 290 30.07 -4.12 -10.08
N LEU C 291 29.52 -5.33 -9.89
CA LEU C 291 30.36 -6.49 -9.60
C LEU C 291 31.20 -6.90 -10.79
N SER C 292 30.72 -6.64 -12.02
CA SER C 292 31.44 -7.04 -13.22
C SER C 292 32.60 -6.13 -13.56
N ARG C 293 32.80 -5.05 -12.80
CA ARG C 293 34.02 -4.25 -12.95
C ARG C 293 35.24 -5.03 -12.48
N GLY C 294 35.07 -5.97 -11.54
CA GLY C 294 36.15 -6.86 -11.14
C GLY C 294 36.18 -8.12 -11.99
N ARG C 295 37.21 -8.92 -11.75
CA ARG C 295 37.36 -10.18 -12.49
C ARG C 295 36.13 -11.06 -12.32
N HIS C 296 35.76 -11.75 -13.39
CA HIS C 296 34.59 -12.63 -13.34
C HIS C 296 34.67 -13.62 -14.50
N HIS C 297 33.86 -14.66 -14.38
CA HIS C 297 33.81 -15.74 -15.37
C HIS C 297 33.05 -15.31 -16.62
N ALA D 1 -23.47 -2.69 34.85
CA ALA D 1 -22.76 -2.46 36.11
C ALA D 1 -21.70 -1.38 35.94
N GLU D 2 -20.99 -1.08 37.01
CA GLU D 2 -19.90 -0.12 36.97
C GLU D 2 -18.59 -0.84 36.67
N GLU D 3 -17.79 -0.25 35.79
CA GLU D 3 -16.49 -0.83 35.48
C GLU D 3 -15.50 -0.65 36.62
N PHE D 4 -15.69 0.39 37.43
CA PHE D 4 -14.77 0.74 38.50
C PHE D 4 -15.56 1.20 39.71
N PRO D 5 -15.04 0.98 40.91
CA PRO D 5 -15.80 1.33 42.12
C PRO D 5 -15.85 2.84 42.34
N VAL D 6 -17.06 3.33 42.62
CA VAL D 6 -17.29 4.77 42.80
C VAL D 6 -16.99 5.14 44.26
N PRO D 7 -16.25 6.21 44.51
CA PRO D 7 -15.98 6.61 45.90
C PRO D 7 -17.25 7.07 46.61
N ASN D 8 -17.26 6.90 47.93
CA ASN D 8 -18.40 7.36 48.72
CA ASN D 8 -18.39 7.36 48.73
C ASN D 8 -18.58 8.86 48.54
N GLY D 9 -19.84 9.29 48.43
CA GLY D 9 -20.16 10.69 48.20
C GLY D 9 -20.15 11.10 46.75
N PHE D 10 -19.83 10.19 45.83
CA PHE D 10 -19.84 10.47 44.41
C PHE D 10 -20.93 9.66 43.72
N GLU D 11 -21.34 10.13 42.56
CA GLU D 11 -22.35 9.43 41.77
C GLU D 11 -21.81 9.19 40.35
N SER D 12 -22.08 8.00 39.83
CA SER D 12 -21.84 7.69 38.43
C SER D 12 -23.09 8.02 37.64
N ALA D 13 -22.93 8.77 36.55
CA ALA D 13 -24.08 9.27 35.80
C ALA D 13 -23.67 9.49 34.35
N TYR D 14 -24.66 9.89 33.54
CA TYR D 14 -24.48 10.08 32.11
C TYR D 14 -25.18 11.36 31.67
N ARG D 15 -24.59 12.01 30.66
CA ARG D 15 -25.25 13.15 30.02
C ARG D 15 -25.09 13.00 28.51
N GLU D 16 -26.16 13.29 27.77
CA GLU D 16 -26.08 13.35 26.33
C GLU D 16 -25.49 14.69 25.90
N VAL D 17 -24.45 14.65 25.09
CA VAL D 17 -23.81 15.85 24.55
C VAL D 17 -23.70 15.66 23.05
N ASP D 18 -24.42 16.47 22.28
CA ASP D 18 -24.41 16.38 20.81
C ASP D 18 -24.64 14.95 20.35
N GLY D 19 -25.63 14.29 20.96
CA GLY D 19 -26.01 12.95 20.54
C GLY D 19 -25.10 11.83 21.01
N VAL D 20 -24.12 12.13 21.86
CA VAL D 20 -23.18 11.14 22.40
C VAL D 20 -23.41 11.03 23.90
N LYS D 21 -23.65 9.80 24.37
CA LYS D 21 -23.89 9.60 25.81
C LYS D 21 -22.54 9.48 26.54
N LEU D 22 -22.21 10.49 27.33
CA LEU D 22 -20.95 10.54 28.06
C LEU D 22 -21.14 10.06 29.49
N HIS D 23 -20.24 9.21 29.96
CA HIS D 23 -20.22 8.77 31.34
C HIS D 23 -19.28 9.65 32.17
N TYR D 24 -19.66 9.90 33.43
CA TYR D 24 -18.81 10.66 34.33
C TYR D 24 -19.10 10.26 35.77
N VAL D 25 -18.18 10.62 36.66
CA VAL D 25 -18.36 10.47 38.09
C VAL D 25 -18.21 11.85 38.72
N LYS D 26 -19.16 12.22 39.58
CA LYS D 26 -19.27 13.59 40.06
C LYS D 26 -19.55 13.60 41.56
N GLY D 27 -18.92 14.55 42.26
CA GLY D 27 -19.18 14.74 43.68
C GLY D 27 -18.66 16.11 44.10
N GLY D 28 -19.03 16.50 45.31
CA GLY D 28 -18.52 17.71 45.89
C GLY D 28 -19.43 18.90 45.68
N GLN D 29 -18.98 20.03 46.23
CA GLN D 29 -19.70 21.30 46.17
C GLN D 29 -18.69 22.41 45.95
N GLY D 30 -19.13 23.46 45.26
CA GLY D 30 -18.27 24.59 44.97
C GLY D 30 -18.00 24.74 43.49
N PRO D 31 -17.03 25.57 43.12
CA PRO D 31 -16.69 25.75 41.70
C PRO D 31 -16.24 24.44 41.09
N LEU D 32 -16.44 24.32 39.78
CA LEU D 32 -16.22 23.05 39.08
C LEU D 32 -14.76 22.82 38.74
N VAL D 33 -14.29 21.59 38.98
CA VAL D 33 -13.03 21.09 38.43
C VAL D 33 -13.34 19.86 37.60
N MET D 34 -12.90 19.86 36.34
CA MET D 34 -13.03 18.71 35.46
C MET D 34 -11.67 18.02 35.32
N LEU D 35 -11.64 16.72 35.56
CA LEU D 35 -10.42 15.91 35.50
C LEU D 35 -10.54 14.96 34.30
N VAL D 36 -9.57 15.00 33.39
CA VAL D 36 -9.66 14.27 32.13
C VAL D 36 -8.50 13.27 32.01
N HIS D 37 -8.84 11.99 31.97
CA HIS D 37 -7.89 10.89 31.92
C HIS D 37 -7.24 10.74 30.54
N GLY D 38 -6.27 9.80 30.47
CA GLY D 38 -5.58 9.48 29.24
C GLY D 38 -5.63 8.02 28.79
N PHE D 39 -4.70 7.66 27.91
CA PHE D 39 -4.71 6.35 27.29
C PHE D 39 -4.48 5.24 28.31
N GLY D 40 -5.19 4.13 28.12
CA GLY D 40 -5.05 2.98 28.96
C GLY D 40 -5.89 3.04 30.22
N GLN D 41 -6.55 4.17 30.46
CA GLN D 41 -7.22 4.40 31.73
C GLN D 41 -8.59 4.98 31.48
N THR D 42 -9.26 5.37 32.57
CA THR D 42 -10.62 5.90 32.58
C THR D 42 -10.67 6.96 33.67
N TRP D 43 -11.89 7.42 33.98
CA TRP D 43 -12.06 8.35 35.10
C TRP D 43 -11.38 7.84 36.37
N TYR D 44 -11.26 6.51 36.51
CA TYR D 44 -10.83 5.93 37.78
C TYR D 44 -9.40 6.31 38.15
N GLU D 45 -8.57 6.74 37.19
CA GLU D 45 -7.24 7.15 37.61
C GLU D 45 -7.29 8.32 38.58
N TRP D 46 -8.39 9.07 38.61
CA TRP D 46 -8.52 10.21 39.51
C TRP D 46 -9.15 9.87 40.86
N HIS D 47 -9.42 8.58 41.14
CA HIS D 47 -10.29 8.27 42.27
C HIS D 47 -9.66 8.59 43.62
N GLN D 48 -8.34 8.72 43.70
CA GLN D 48 -7.73 9.13 44.96
C GLN D 48 -7.76 10.65 45.15
N LEU D 49 -7.59 11.39 44.06
CA LEU D 49 -7.63 12.85 44.10
C LEU D 49 -9.05 13.37 44.31
N MET D 50 -10.05 12.70 43.74
CA MET D 50 -11.42 13.22 43.77
C MET D 50 -11.96 13.51 45.16
N PRO D 51 -11.84 12.61 46.16
CA PRO D 51 -12.40 12.95 47.48
C PRO D 51 -11.71 14.13 48.15
N GLU D 52 -10.40 14.29 47.94
CA GLU D 52 -9.70 15.43 48.53
C GLU D 52 -10.15 16.72 47.86
N LEU D 53 -10.24 16.72 46.54
CA LEU D 53 -10.68 17.90 45.82
C LEU D 53 -12.13 18.25 46.14
N ALA D 54 -12.98 17.24 46.40
CA ALA D 54 -14.39 17.47 46.66
C ALA D 54 -14.66 18.18 47.97
N LYS D 55 -13.63 18.39 48.80
CA LYS D 55 -13.81 19.16 50.01
C LYS D 55 -13.96 20.65 49.72
N ARG D 56 -13.48 21.10 48.55
CA ARG D 56 -13.51 22.52 48.18
C ARG D 56 -14.14 22.80 46.83
N PHE D 57 -14.38 21.77 46.01
CA PHE D 57 -14.83 21.95 44.63
C PHE D 57 -15.91 20.93 44.30
N THR D 58 -16.73 21.27 43.31
CA THR D 58 -17.49 20.24 42.60
C THR D 58 -16.54 19.59 41.60
N VAL D 59 -16.47 18.26 41.62
CA VAL D 59 -15.49 17.52 40.84
C VAL D 59 -16.23 16.62 39.85
N ILE D 60 -15.86 16.70 38.58
CA ILE D 60 -16.40 15.81 37.56
C ILE D 60 -15.25 15.17 36.80
N ALA D 61 -15.32 13.85 36.63
CA ALA D 61 -14.32 13.07 35.91
C ALA D 61 -15.01 12.27 34.82
N PRO D 62 -14.99 12.74 33.58
CA PRO D 62 -15.64 12.00 32.49
C PRO D 62 -14.73 10.91 31.94
N ASP D 63 -15.38 9.90 31.35
CA ASP D 63 -14.70 8.98 30.46
C ASP D 63 -14.63 9.62 29.07
N LEU D 64 -13.44 9.60 28.46
CA LEU D 64 -13.28 10.12 27.11
C LEU D 64 -14.19 9.36 26.14
N PRO D 65 -14.67 10.01 25.09
CA PRO D 65 -15.53 9.31 24.12
C PRO D 65 -14.94 7.99 23.64
N GLY D 66 -15.76 6.95 23.69
CA GLY D 66 -15.37 5.62 23.28
C GLY D 66 -14.66 4.82 24.35
N LEU D 67 -14.19 5.45 25.41
CA LEU D 67 -13.45 4.77 26.47
C LEU D 67 -14.31 4.71 27.73
N GLY D 68 -13.88 3.85 28.66
CA GLY D 68 -14.70 3.59 29.83
C GLY D 68 -16.12 3.27 29.42
N GLN D 69 -17.07 4.03 29.97
CA GLN D 69 -18.49 3.82 29.71
C GLN D 69 -19.10 4.92 28.83
N SER D 70 -18.27 5.70 28.13
CA SER D 70 -18.74 6.74 27.21
C SER D 70 -18.88 6.21 25.79
N GLU D 71 -19.95 6.64 25.12
CA GLU D 71 -20.14 6.29 23.72
C GLU D 71 -19.03 6.92 22.87
N PRO D 72 -18.69 6.29 21.75
CA PRO D 72 -17.74 6.90 20.81
C PRO D 72 -18.24 8.23 20.31
N PRO D 73 -17.34 9.10 19.85
CA PRO D 73 -17.77 10.35 19.25
C PRO D 73 -18.47 10.10 17.92
N LYS D 74 -19.44 10.95 17.62
CA LYS D 74 -20.13 10.87 16.34
C LYS D 74 -19.51 11.77 15.27
N THR D 75 -18.64 12.70 15.68
CA THR D 75 -17.90 13.53 14.72
C THR D 75 -16.56 12.86 14.39
N GLY D 76 -15.63 12.84 15.34
CA GLY D 76 -14.36 12.19 15.10
C GLY D 76 -13.49 12.30 16.33
N TYR D 77 -12.24 11.86 16.18
CA TYR D 77 -11.33 11.73 17.31
C TYR D 77 -10.22 12.78 17.36
N SER D 78 -10.24 13.75 16.44
CA SER D 78 -9.26 14.83 16.51
C SER D 78 -9.50 15.69 17.75
N GLY D 79 -8.44 16.39 18.17
CA GLY D 79 -8.53 17.18 19.40
C GLY D 79 -9.66 18.21 19.37
N GLU D 80 -9.83 18.91 18.24
CA GLU D 80 -10.90 19.91 18.18
C GLU D 80 -12.27 19.26 18.27
N GLN D 81 -12.44 18.08 17.66
CA GLN D 81 -13.74 17.43 17.69
C GLN D 81 -14.08 16.93 19.09
N VAL D 82 -13.11 16.28 19.75
CA VAL D 82 -13.39 15.71 21.06
C VAL D 82 -13.56 16.81 22.09
N ALA D 83 -12.79 17.90 21.96
CA ALA D 83 -12.87 19.00 22.91
C ALA D 83 -14.27 19.61 22.97
N VAL D 84 -15.03 19.58 21.86
CA VAL D 84 -16.39 20.11 21.90
C VAL D 84 -17.24 19.34 22.91
N TYR D 85 -17.13 18.01 22.92
CA TYR D 85 -17.91 17.21 23.85
C TYR D 85 -17.57 17.55 25.29
N LEU D 86 -16.27 17.67 25.59
CA LEU D 86 -15.84 17.92 26.95
C LEU D 86 -16.19 19.34 27.39
N HIS D 87 -16.03 20.31 26.49
CA HIS D 87 -16.40 21.68 26.82
C HIS D 87 -17.90 21.78 27.13
N LYS D 88 -18.74 21.20 26.26
CA LYS D 88 -20.18 21.29 26.48
C LYS D 88 -20.61 20.51 27.73
N LEU D 89 -19.94 19.38 28.03
CA LEU D 89 -20.26 18.70 29.28
C LEU D 89 -19.97 19.57 30.49
N ALA D 90 -18.78 20.20 30.53
CA ALA D 90 -18.44 21.06 31.66
C ALA D 90 -19.41 22.22 31.79
N ARG D 91 -19.84 22.80 30.67
CA ARG D 91 -20.73 23.95 30.74
C ARG D 91 -22.13 23.57 31.20
N GLN D 92 -22.53 22.31 31.04
CA GLN D 92 -23.79 21.87 31.64
C GLN D 92 -23.77 22.02 33.15
N PHE D 93 -22.60 21.86 33.77
CA PHE D 93 -22.52 21.94 35.21
C PHE D 93 -21.95 23.25 35.73
N SER D 94 -21.28 24.03 34.90
CA SER D 94 -20.76 25.34 35.29
C SER D 94 -21.09 26.39 34.23
N PRO D 95 -22.38 26.68 34.01
CA PRO D 95 -22.75 27.62 32.95
C PRO D 95 -22.40 29.07 33.25
N ASP D 96 -22.27 29.45 34.52
CA ASP D 96 -22.20 30.85 34.92
C ASP D 96 -20.86 31.24 35.53
N ARG D 97 -19.92 30.32 35.63
CA ARG D 97 -18.62 30.54 36.25
C ARG D 97 -17.58 29.81 35.41
N PRO D 98 -16.36 30.34 35.33
CA PRO D 98 -15.28 29.55 34.75
C PRO D 98 -14.98 28.35 35.63
N PHE D 99 -14.45 27.30 35.00
CA PHE D 99 -14.15 26.04 35.69
C PHE D 99 -12.67 25.74 35.55
N ASP D 100 -12.17 24.89 36.44
CA ASP D 100 -10.80 24.42 36.39
C ASP D 100 -10.70 23.14 35.58
N LEU D 101 -9.52 22.90 35.02
CA LEU D 101 -9.28 21.75 34.17
C LEU D 101 -7.96 21.10 34.54
N VAL D 102 -8.00 19.79 34.79
CA VAL D 102 -6.82 18.98 35.02
C VAL D 102 -6.85 17.86 33.99
N ALA D 103 -5.73 17.66 33.28
CA ALA D 103 -5.70 16.64 32.22
C ALA D 103 -4.38 15.91 32.18
N HIS D 104 -4.45 14.61 31.89
CA HIS D 104 -3.32 13.68 31.87
C HIS D 104 -3.23 13.03 30.49
N ASP D 105 -2.03 13.00 29.91
CA ASP D 105 -1.76 12.23 28.69
C ASP D 105 -2.70 12.73 27.58
N ILE D 106 -3.44 11.85 26.88
CA ILE D 106 -4.25 12.34 25.75
C ILE D 106 -5.43 13.19 26.21
N GLY D 107 -5.70 13.25 27.52
CA GLY D 107 -6.63 14.26 28.00
C GLY D 107 -6.20 15.67 27.63
N ILE D 108 -4.88 15.90 27.52
CA ILE D 108 -4.36 17.18 27.02
C ILE D 108 -4.78 17.39 25.58
N TRP D 109 -4.56 16.38 24.73
CA TRP D 109 -4.91 16.50 23.32
C TRP D 109 -6.37 16.85 23.13
N ASN D 110 -7.22 16.30 23.99
CA ASN D 110 -8.66 16.40 23.84
C ASN D 110 -9.25 17.59 24.55
N THR D 111 -8.42 18.44 25.19
CA THR D 111 -8.93 19.63 25.84
C THR D 111 -8.26 20.91 25.38
N TYR D 112 -7.02 20.86 24.90
CA TYR D 112 -6.34 22.11 24.53
C TYR D 112 -7.16 22.97 23.58
N PRO D 113 -7.78 22.45 22.51
CA PRO D 113 -8.53 23.36 21.63
C PRO D 113 -9.67 24.08 22.32
N MET D 114 -10.38 23.43 23.26
CA MET D 114 -11.47 24.16 23.88
C MET D 114 -10.96 25.15 24.91
N VAL D 115 -9.78 24.90 25.49
CA VAL D 115 -9.18 25.88 26.39
C VAL D 115 -8.81 27.14 25.62
N VAL D 116 -8.11 26.98 24.49
CA VAL D 116 -7.62 28.16 23.78
C VAL D 116 -8.76 28.92 23.12
N LYS D 117 -9.82 28.22 22.72
CA LYS D 117 -10.94 28.88 22.06
C LYS D 117 -11.98 29.44 23.03
N ASN D 118 -11.95 29.04 24.31
CA ASN D 118 -12.93 29.49 25.29
C ASN D 118 -12.23 29.91 26.58
N GLN D 119 -11.26 30.82 26.47
CA GLN D 119 -10.39 31.11 27.61
C GLN D 119 -11.16 31.70 28.79
N ALA D 120 -12.22 32.47 28.53
CA ALA D 120 -13.01 33.02 29.63
C ALA D 120 -13.72 31.94 30.43
N ASP D 121 -13.85 30.74 29.88
CA ASP D 121 -14.48 29.63 30.58
C ASP D 121 -13.52 28.86 31.49
N ILE D 122 -12.21 29.10 31.40
CA ILE D 122 -11.21 28.28 32.08
C ILE D 122 -10.55 29.14 33.16
N ALA D 123 -10.76 28.78 34.43
CA ALA D 123 -10.17 29.58 35.50
C ALA D 123 -8.68 29.23 35.68
N ARG D 124 -8.38 27.96 35.92
CA ARG D 124 -7.01 27.50 36.11
C ARG D 124 -6.84 26.17 35.38
N LEU D 125 -5.61 25.90 34.94
CA LEU D 125 -5.29 24.78 34.06
C LEU D 125 -4.12 23.97 34.62
N VAL D 126 -4.27 22.65 34.69
CA VAL D 126 -3.17 21.75 35.07
C VAL D 126 -3.02 20.69 33.98
N TYR D 127 -1.85 20.61 33.38
CA TYR D 127 -1.55 19.61 32.37
C TYR D 127 -0.38 18.74 32.83
N MET D 128 -0.50 17.42 32.64
CA MET D 128 0.58 16.51 33.02
C MET D 128 0.80 15.40 32.02
N GLN D 129 2.07 15.14 31.72
CA GLN D 129 2.55 13.90 31.09
C GLN D 129 1.95 13.65 29.69
N ALA D 130 2.14 14.64 28.81
CA ALA D 130 2.01 14.44 27.37
C ALA D 130 2.34 15.74 26.66
N PRO D 131 2.89 15.67 25.47
CA PRO D 131 3.01 16.87 24.65
C PRO D 131 1.63 17.34 24.19
N ILE D 132 1.44 18.65 24.19
CA ILE D 132 0.40 19.20 23.32
C ILE D 132 0.76 18.83 21.88
N PRO D 133 -0.20 18.38 21.05
CA PRO D 133 0.18 18.00 19.69
C PRO D 133 0.69 19.17 18.87
N ASP D 134 1.98 19.13 18.52
CA ASP D 134 2.60 20.14 17.68
C ASP D 134 3.87 19.51 17.09
N ALA D 135 4.62 20.32 16.34
CA ALA D 135 5.76 19.76 15.62
C ALA D 135 6.83 19.18 16.54
N ARG D 136 6.80 19.51 17.83
CA ARG D 136 7.81 18.95 18.73
C ARG D 136 7.71 17.43 18.80
N ILE D 137 6.51 16.86 18.56
CA ILE D 137 6.39 15.42 18.67
C ILE D 137 7.19 14.70 17.60
N TYR D 138 7.53 15.38 16.50
CA TYR D 138 8.29 14.74 15.43
C TYR D 138 9.78 14.64 15.76
N ARG D 139 10.21 15.17 16.90
CA ARG D 139 11.60 15.11 17.35
C ARG D 139 11.88 13.94 18.29
N PHE D 140 10.84 13.30 18.85
CA PHE D 140 11.08 12.19 19.75
C PHE D 140 11.70 11.01 18.98
N PRO D 141 12.66 10.31 19.57
CA PRO D 141 13.35 9.24 18.83
C PRO D 141 12.56 7.94 18.77
N ALA D 142 12.83 7.20 17.70
CA ALA D 142 12.22 5.89 17.51
C ALA D 142 12.84 4.81 18.38
N PHE D 143 14.08 5.00 18.82
CA PHE D 143 14.86 3.97 19.50
C PHE D 143 15.93 4.67 20.33
N THR D 144 16.30 4.06 21.45
CA THR D 144 17.30 4.66 22.34
C THR D 144 18.41 3.66 22.65
N ALA D 145 19.54 4.18 23.11
CA ALA D 145 20.66 3.32 23.48
C ALA D 145 20.37 2.42 24.68
N GLN D 146 19.23 2.61 25.35
CA GLN D 146 18.82 1.76 26.47
C GLN D 146 17.68 0.81 26.10
N GLY D 147 17.19 0.87 24.87
CA GLY D 147 16.07 0.05 24.46
C GLY D 147 14.93 0.88 23.90
N GLU D 148 13.71 0.39 24.14
CA GLU D 148 12.53 1.04 23.54
C GLU D 148 12.38 2.47 24.04
N SER D 149 11.90 3.32 23.14
CA SER D 149 11.74 4.75 23.37
C SER D 149 10.37 5.07 23.97
N LEU D 150 10.20 6.33 24.36
CA LEU D 150 8.98 6.74 25.05
C LEU D 150 7.75 6.70 24.15
N VAL D 151 7.86 7.14 22.90
CA VAL D 151 6.62 7.32 22.14
C VAL D 151 6.62 6.60 20.80
N TRP D 152 7.37 5.50 20.67
CA TRP D 152 7.21 4.68 19.47
C TRP D 152 5.79 4.18 19.31
N HIS D 153 5.03 4.09 20.42
CA HIS D 153 3.64 3.66 20.31
C HIS D 153 2.79 4.64 19.50
N PHE D 154 3.23 5.89 19.33
CA PHE D 154 2.49 6.80 18.45
C PHE D 154 2.33 6.17 17.06
N SER D 155 3.41 5.62 16.53
CA SER D 155 3.35 5.03 15.20
C SER D 155 2.60 3.70 15.21
N PHE D 156 2.81 2.89 16.24
CA PHE D 156 2.12 1.61 16.35
C PHE D 156 0.61 1.81 16.37
N PHE D 157 0.15 2.76 17.19
CA PHE D 157 -1.28 2.99 17.36
C PHE D 157 -1.88 3.70 16.14
N ALA D 158 -1.09 4.54 15.47
CA ALA D 158 -1.63 5.28 14.32
C ALA D 158 -1.63 4.46 13.05
N ALA D 159 -0.92 3.34 13.02
CA ALA D 159 -0.83 2.50 11.82
C ALA D 159 -2.21 2.08 11.33
N ASP D 160 -2.33 1.92 10.01
CA ASP D 160 -3.59 1.48 9.43
C ASP D 160 -3.73 -0.05 9.50
N ASP D 161 -4.66 -0.62 8.74
CA ASP D 161 -4.98 -2.04 8.77
C ASP D 161 -5.44 -2.52 10.15
N ARG D 162 -5.88 -1.61 11.02
CA ARG D 162 -6.17 -1.94 12.42
C ARG D 162 -5.04 -2.77 13.02
N LEU D 163 -3.80 -2.34 12.76
CA LEU D 163 -2.63 -3.09 13.20
C LEU D 163 -2.68 -3.35 14.71
N ALA D 164 -2.90 -2.29 15.49
CA ALA D 164 -2.85 -2.44 16.95
C ALA D 164 -4.01 -3.29 17.47
N GLU D 165 -5.25 -3.04 17.01
CA GLU D 165 -6.36 -3.87 17.48
C GLU D 165 -6.14 -5.32 17.12
N THR D 166 -5.60 -5.58 15.93
CA THR D 166 -5.49 -6.96 15.47
C THR D 166 -4.42 -7.70 16.27
N LEU D 167 -3.30 -7.02 16.56
CA LEU D 167 -2.25 -7.69 17.32
C LEU D 167 -2.58 -7.79 18.81
N ILE D 168 -3.34 -6.83 19.34
CA ILE D 168 -3.57 -6.79 20.78
C ILE D 168 -4.82 -7.57 21.20
N ALA D 169 -5.79 -7.75 20.31
CA ALA D 169 -6.96 -8.55 20.67
C ALA D 169 -6.56 -9.94 21.13
N GLY D 170 -7.16 -10.39 22.23
CA GLY D 170 -6.79 -11.64 22.87
C GLY D 170 -5.58 -11.53 23.78
N LYS D 171 -4.90 -10.39 23.77
CA LYS D 171 -3.72 -10.15 24.59
C LYS D 171 -3.81 -8.78 25.26
N GLU D 172 -5.03 -8.34 25.55
CA GLU D 172 -5.23 -6.96 26.00
C GLU D 172 -4.59 -6.72 27.36
N ARG D 173 -4.73 -7.67 28.28
CA ARG D 173 -4.14 -7.53 29.61
C ARG D 173 -2.62 -7.58 29.54
N PHE D 174 -2.08 -8.53 28.77
CA PHE D 174 -0.63 -8.60 28.57
C PHE D 174 -0.09 -7.29 28.02
N PHE D 175 -0.73 -6.76 26.97
CA PHE D 175 -0.20 -5.55 26.37
C PHE D 175 -0.26 -4.37 27.33
N LEU D 176 -1.40 -4.18 27.99
CA LEU D 176 -1.56 -3.01 28.84
C LEU D 176 -0.62 -3.07 30.03
N GLU D 177 -0.41 -4.27 30.60
CA GLU D 177 0.56 -4.38 31.69
C GLU D 177 1.96 -4.01 31.20
N HIS D 178 2.34 -4.50 30.02
CA HIS D 178 3.65 -4.09 29.50
C HIS D 178 3.71 -2.59 29.26
N PHE D 179 2.67 -2.03 28.65
CA PHE D 179 2.67 -0.61 28.36
C PHE D 179 2.76 0.21 29.64
N ILE D 180 1.97 -0.14 30.65
CA ILE D 180 2.01 0.62 31.89
C ILE D 180 3.39 0.51 32.53
N LYS D 181 3.92 -0.70 32.65
CA LYS D 181 5.19 -0.84 33.35
C LYS D 181 6.36 -0.23 32.58
N SER D 182 6.32 -0.28 31.24
CA SER D 182 7.40 0.34 30.48
C SER D 182 7.38 1.85 30.55
N HIS D 183 6.26 2.44 30.97
CA HIS D 183 6.18 3.88 31.17
C HIS D 183 6.14 4.27 32.63
N ALA D 184 6.42 3.34 33.54
CA ALA D 184 6.38 3.58 34.98
C ALA D 184 7.78 3.60 35.58
N SER D 185 7.92 4.36 36.66
CA SER D 185 9.04 4.18 37.58
C SER D 185 8.65 3.25 38.73
N ASN D 186 7.41 3.38 39.21
CA ASN D 186 6.94 2.66 40.39
C ASN D 186 5.83 1.73 39.92
N THR D 187 6.20 0.46 39.65
CA THR D 187 5.24 -0.49 39.14
C THR D 187 4.44 -1.17 40.24
N GLU D 188 4.91 -1.11 41.49
CA GLU D 188 4.23 -1.81 42.57
C GLU D 188 2.83 -1.27 42.83
N VAL D 189 2.53 -0.04 42.40
CA VAL D 189 1.21 0.52 42.63
C VAL D 189 0.15 -0.11 41.75
N PHE D 190 0.55 -0.86 40.71
CA PHE D 190 -0.38 -1.47 39.78
C PHE D 190 -0.61 -2.92 40.18
N SER D 191 -1.55 -3.10 41.11
CA SER D 191 -1.92 -4.42 41.58
C SER D 191 -2.56 -5.24 40.46
N GLU D 192 -2.63 -6.55 40.69
CA GLU D 192 -3.31 -7.42 39.73
C GLU D 192 -4.76 -7.00 39.54
N ARG D 193 -5.42 -6.59 40.62
CA ARG D 193 -6.81 -6.15 40.53
C ARG D 193 -6.94 -4.90 39.67
N LEU D 194 -6.06 -3.91 39.89
CA LEU D 194 -6.15 -2.66 39.14
C LEU D 194 -5.89 -2.90 37.65
N LEU D 195 -4.88 -3.71 37.34
CA LEU D 195 -4.59 -4.03 35.95
C LEU D 195 -5.76 -4.78 35.30
N ASP D 196 -6.37 -5.72 36.05
CA ASP D 196 -7.57 -6.41 35.57
C ASP D 196 -8.67 -5.42 35.20
N LEU D 197 -8.94 -4.45 36.09
CA LEU D 197 -10.01 -3.49 35.85
C LEU D 197 -9.74 -2.65 34.60
N TYR D 198 -8.53 -2.13 34.47
CA TYR D 198 -8.23 -1.31 33.31
C TYR D 198 -8.22 -2.15 32.03
N ALA D 199 -7.71 -3.38 32.10
CA ALA D 199 -7.66 -4.21 30.91
C ALA D 199 -9.06 -4.58 30.42
N ARG D 200 -9.95 -4.94 31.34
CA ARG D 200 -11.31 -5.28 30.95
C ARG D 200 -12.01 -4.10 30.27
N SER D 201 -11.74 -2.89 30.74
CA SER D 201 -12.42 -1.73 30.17
C SER D 201 -11.96 -1.46 28.74
N TYR D 202 -10.64 -1.37 28.52
CA TYR D 202 -10.23 -1.00 27.16
C TYR D 202 -10.28 -2.19 26.21
N ALA D 203 -10.50 -3.41 26.73
CA ALA D 203 -10.63 -4.57 25.84
C ALA D 203 -12.00 -4.64 25.17
N LYS D 204 -13.00 -3.90 25.64
CA LYS D 204 -14.25 -3.81 24.91
C LYS D 204 -13.93 -3.43 23.47
N PRO D 205 -14.43 -4.15 22.47
CA PRO D 205 -13.96 -3.88 21.09
C PRO D 205 -14.07 -2.43 20.67
N HIS D 206 -15.16 -1.73 21.01
CA HIS D 206 -15.24 -0.34 20.57
C HIS D 206 -14.29 0.55 21.35
N SER D 207 -13.90 0.15 22.56
CA SER D 207 -12.94 0.95 23.34
C SER D 207 -11.50 0.68 22.92
N LEU D 208 -11.21 -0.56 22.52
CA LEU D 208 -9.88 -0.86 21.99
C LEU D 208 -9.64 -0.06 20.72
N ASN D 209 -10.62 -0.04 19.81
CA ASN D 209 -10.52 0.80 18.62
C ASN D 209 -10.48 2.27 18.97
N ALA D 210 -11.36 2.74 19.87
CA ALA D 210 -11.37 4.16 20.20
C ALA D 210 -10.01 4.60 20.70
N SER D 211 -9.37 3.77 21.54
CA SER D 211 -8.03 4.07 22.07
C SER D 211 -7.09 4.49 20.96
N PHE D 212 -7.06 3.72 19.87
CA PHE D 212 -6.09 3.98 18.83
C PHE D 212 -6.57 5.06 17.86
N GLU D 213 -7.88 5.28 17.75
CA GLU D 213 -8.35 6.34 16.85
C GLU D 213 -7.85 7.70 17.31
N TYR D 214 -7.63 7.90 18.62
CA TYR D 214 -7.04 9.16 19.07
C TYR D 214 -5.66 9.36 18.43
N TYR D 215 -4.90 8.28 18.25
CA TYR D 215 -3.57 8.37 17.64
C TYR D 215 -3.65 8.47 16.13
N ARG D 216 -4.65 7.83 15.51
CA ARG D 216 -4.84 7.96 14.08
C ARG D 216 -5.25 9.38 13.70
N ALA D 217 -5.74 10.17 14.66
CA ALA D 217 -6.07 11.56 14.42
C ALA D 217 -4.98 12.52 14.89
N LEU D 218 -3.84 12.01 15.38
CA LEU D 218 -2.84 12.88 16.00
C LEU D 218 -2.26 13.90 15.01
N ASN D 219 -1.95 13.48 13.77
CA ASN D 219 -1.40 14.45 12.84
C ASN D 219 -2.43 15.51 12.48
N GLU D 220 -3.70 15.12 12.38
CA GLU D 220 -4.75 16.11 12.18
C GLU D 220 -4.82 17.07 13.37
N SER D 221 -4.67 16.56 14.59
CA SER D 221 -4.66 17.45 15.76
C SER D 221 -3.47 18.41 15.74
N VAL D 222 -2.29 17.92 15.32
CA VAL D 222 -1.14 18.81 15.15
C VAL D 222 -1.47 19.93 14.17
N ARG D 223 -2.07 19.59 13.03
CA ARG D 223 -2.39 20.61 12.04
C ARG D 223 -3.44 21.60 12.57
N GLN D 224 -4.44 21.10 13.30
CA GLN D 224 -5.41 21.98 13.93
C GLN D 224 -4.73 22.95 14.89
N ASN D 225 -3.83 22.43 15.72
CA ASN D 225 -3.23 23.24 16.76
C ASN D 225 -2.26 24.28 16.20
N ALA D 226 -1.70 24.04 15.02
CA ALA D 226 -0.83 25.05 14.41
C ALA D 226 -1.55 26.37 14.19
N GLU D 227 -2.85 26.31 13.89
CA GLU D 227 -3.65 27.53 13.79
C GLU D 227 -4.08 28.03 15.16
N LEU D 228 -4.55 27.13 16.03
CA LEU D 228 -5.05 27.56 17.34
C LEU D 228 -3.97 28.23 18.17
N ALA D 229 -2.72 27.75 18.07
CA ALA D 229 -1.65 28.27 18.92
C ALA D 229 -1.25 29.70 18.59
N LYS D 230 -1.84 30.33 17.58
CA LYS D 230 -1.59 31.74 17.34
C LYS D 230 -2.09 32.59 18.49
N THR D 231 -2.96 32.03 19.32
CA THR D 231 -3.48 32.70 20.51
C THR D 231 -2.87 32.05 21.75
N ARG D 232 -2.13 32.84 22.52
CA ARG D 232 -1.54 32.38 23.78
C ARG D 232 -2.60 32.15 24.84
N LEU D 233 -2.30 31.22 25.76
CA LEU D 233 -3.16 30.99 26.92
C LEU D 233 -2.82 32.00 28.01
N GLN D 234 -3.87 32.61 28.59
CA GLN D 234 -3.69 33.68 29.56
C GLN D 234 -4.01 33.30 31.00
N MET D 235 -4.64 32.15 31.23
CA MET D 235 -5.03 31.78 32.58
C MET D 235 -3.86 31.15 33.34
N PRO D 236 -3.89 31.17 34.67
CA PRO D 236 -2.83 30.50 35.45
C PRO D 236 -2.78 29.01 35.12
N THR D 237 -1.56 28.52 34.83
CA THR D 237 -1.33 27.16 34.38
CA THR D 237 -1.37 27.14 34.44
C THR D 237 -0.23 26.52 35.22
N MET D 238 -0.34 25.21 35.45
CA MET D 238 0.69 24.43 36.11
C MET D 238 0.93 23.17 35.28
N THR D 239 2.19 22.83 35.06
CA THR D 239 2.53 21.54 34.46
C THR D 239 3.17 20.63 35.51
N LEU D 240 2.89 19.34 35.38
CA LEU D 240 3.54 18.30 36.17
C LEU D 240 4.12 17.24 35.23
N ALA D 241 5.28 16.72 35.60
CA ALA D 241 5.91 15.66 34.85
C ALA D 241 6.72 14.80 35.79
N GLY D 242 6.83 13.51 35.44
CA GLY D 242 7.74 12.63 36.15
C GLY D 242 9.19 12.89 35.77
N GLY D 243 10.08 12.73 36.74
CA GLY D 243 11.51 12.82 36.49
C GLY D 243 12.17 11.47 36.33
N GLY D 244 11.43 10.40 36.58
CA GLY D 244 11.95 9.05 36.45
C GLY D 244 11.64 8.43 35.09
N HIS D 245 11.88 7.12 35.02
CA HIS D 245 11.61 6.37 33.80
C HIS D 245 10.14 6.49 33.43
N GLY D 246 9.87 6.79 32.15
CA GLY D 246 8.54 7.10 31.68
C GLY D 246 8.15 8.56 31.77
N GLY D 247 8.91 9.38 32.49
CA GLY D 247 8.55 10.77 32.66
C GLY D 247 8.92 11.63 31.48
N MET D 248 8.16 12.71 31.30
CA MET D 248 8.50 13.74 30.30
C MET D 248 9.62 14.66 30.75
N GLY D 249 10.00 14.66 32.03
CA GLY D 249 11.06 15.53 32.47
C GLY D 249 10.77 16.99 32.19
N THR D 250 11.81 17.74 31.82
CA THR D 250 11.67 19.17 31.60
C THR D 250 10.86 19.51 30.36
N PHE D 251 10.59 18.54 29.48
CA PHE D 251 9.87 18.86 28.25
C PHE D 251 8.50 19.48 28.53
N GLN D 252 7.80 18.97 29.55
CA GLN D 252 6.42 19.41 29.77
C GLN D 252 6.35 20.92 30.02
N LEU D 253 7.16 21.43 30.94
CA LEU D 253 7.16 22.85 31.23
C LEU D 253 7.72 23.65 30.07
N GLU D 254 8.79 23.16 29.44
CA GLU D 254 9.43 23.95 28.41
C GLU D 254 8.52 24.11 27.20
N GLN D 255 7.76 23.07 26.85
CA GLN D 255 6.76 23.24 25.79
C GLN D 255 5.69 24.21 26.22
N MET D 256 5.18 24.06 27.45
CA MET D 256 4.07 24.90 27.89
C MET D 256 4.44 26.38 27.90
N LYS D 257 5.73 26.70 28.12
CA LYS D 257 6.15 28.10 28.09
C LYS D 257 5.87 28.73 26.74
N ALA D 258 5.86 27.94 25.67
CA ALA D 258 5.54 28.47 24.35
C ALA D 258 4.06 28.75 24.17
N TYR D 259 3.22 28.20 25.04
CA TYR D 259 1.77 28.31 24.94
C TYR D 259 1.13 29.22 25.98
N ALA D 260 1.72 29.36 27.16
CA ALA D 260 1.06 30.01 28.28
C ALA D 260 1.92 31.13 28.83
N GLU D 261 1.31 32.29 29.06
CA GLU D 261 2.01 33.42 29.64
C GLU D 261 2.33 33.21 31.12
N ASP D 262 1.45 32.52 31.84
CA ASP D 262 1.50 32.39 33.29
C ASP D 262 1.53 30.91 33.62
N VAL D 263 2.74 30.35 33.71
CA VAL D 263 2.90 28.91 33.92
C VAL D 263 3.99 28.66 34.95
N GLU D 264 3.73 27.71 35.83
CA GLU D 264 4.71 27.16 36.75
C GLU D 264 4.74 25.65 36.53
N GLY D 265 5.88 25.04 36.80
CA GLY D 265 6.04 23.64 36.51
C GLY D 265 6.77 22.91 37.62
N HIS D 266 6.50 21.61 37.71
CA HIS D 266 7.23 20.75 38.62
C HIS D 266 7.59 19.45 37.93
N VAL D 267 8.79 18.98 38.19
CA VAL D 267 9.24 17.64 37.83
C VAL D 267 9.35 16.85 39.11
N LEU D 268 8.75 15.65 39.13
CA LEU D 268 8.72 14.84 40.35
C LEU D 268 9.77 13.74 40.25
N PRO D 269 10.89 13.84 40.97
CA PRO D 269 11.90 12.77 40.92
C PRO D 269 11.31 11.47 41.43
N GLY D 270 11.71 10.36 40.82
CA GLY D 270 11.25 9.05 41.27
C GLY D 270 9.89 8.65 40.78
N CYS D 271 9.32 9.40 39.84
CA CYS D 271 7.98 9.16 39.31
C CYS D 271 8.05 9.07 37.80
N GLY D 272 7.23 8.19 37.22
CA GLY D 272 7.17 8.07 35.78
C GLY D 272 5.95 8.72 35.15
N HIS D 273 5.26 7.98 34.29
CA HIS D 273 4.15 8.56 33.54
C HIS D 273 2.87 8.65 34.35
N TRP D 274 2.61 7.66 35.20
CA TRP D 274 1.27 7.47 35.76
C TRP D 274 1.15 8.22 37.08
N LEU D 275 1.32 9.55 37.01
CA LEU D 275 1.47 10.32 38.25
C LEU D 275 0.35 10.13 39.27
N PRO D 276 -0.93 10.10 38.90
CA PRO D 276 -1.97 9.94 39.93
C PRO D 276 -1.86 8.65 40.72
N GLU D 277 -1.23 7.61 40.16
CA GLU D 277 -1.06 6.35 40.85
C GLU D 277 0.35 6.14 41.36
N GLU D 278 1.35 6.43 40.52
CA GLU D 278 2.75 6.24 40.94
C GLU D 278 3.13 7.17 42.06
N CYS D 279 2.63 8.41 42.03
CA CYS D 279 3.07 9.43 42.97
C CYS D 279 1.85 10.23 43.42
N ALA D 280 0.87 9.48 43.94
CA ALA D 280 -0.44 10.05 44.26
C ALA D 280 -0.35 11.21 45.25
N ALA D 281 0.35 11.00 46.38
CA ALA D 281 0.30 12.02 47.42
C ALA D 281 0.93 13.34 46.99
N PRO D 282 2.16 13.39 46.45
CA PRO D 282 2.68 14.70 46.04
C PRO D 282 1.95 15.29 44.85
N MET D 283 1.51 14.48 43.91
CA MET D 283 0.72 15.02 42.80
C MET D 283 -0.57 15.63 43.31
N ASN D 284 -1.26 14.92 44.20
CA ASN D 284 -2.51 15.45 44.75
C ASN D 284 -2.26 16.78 45.44
N ARG D 285 -1.22 16.84 46.26
CA ARG D 285 -0.92 18.07 46.98
CA ARG D 285 -0.88 18.06 46.99
C ARG D 285 -0.65 19.23 46.04
N LEU D 286 0.15 19.00 44.99
CA LEU D 286 0.48 20.10 44.09
C LEU D 286 -0.76 20.60 43.35
N VAL D 287 -1.63 19.68 42.93
CA VAL D 287 -2.85 20.08 42.25
C VAL D 287 -3.78 20.83 43.20
N ILE D 288 -4.00 20.29 44.40
CA ILE D 288 -4.92 20.93 45.33
C ILE D 288 -4.44 22.32 45.70
N ASP D 289 -3.15 22.45 46.02
CA ASP D 289 -2.62 23.76 46.38
C ASP D 289 -2.75 24.75 45.22
N PHE D 290 -2.42 24.30 44.00
CA PHE D 290 -2.50 25.21 42.85
C PHE D 290 -3.92 25.67 42.59
N LEU D 291 -4.89 24.75 42.66
CA LEU D 291 -6.27 25.14 42.41
C LEU D 291 -6.86 25.94 43.56
N SER D 292 -6.35 25.77 44.78
CA SER D 292 -6.95 26.44 45.92
C SER D 292 -6.45 27.87 46.09
N ARG D 293 -5.52 28.33 45.24
CA ARG D 293 -5.21 29.76 45.19
C ARG D 293 -6.42 30.56 44.70
N GLY D 294 -7.19 29.99 43.77
CA GLY D 294 -8.40 30.63 43.30
C GLY D 294 -9.56 30.46 44.26
N ARG D 295 -10.71 30.99 43.86
CA ARG D 295 -11.88 30.95 44.73
C ARG D 295 -12.45 29.53 44.79
N HIS D 296 -12.75 29.07 45.99
CA HIS D 296 -13.28 27.73 46.19
C HIS D 296 -14.18 27.72 47.42
N HIS D 297 -14.81 26.57 47.63
CA HIS D 297 -15.75 26.37 48.73
C HIS D 297 -15.03 26.30 50.09
C4 40O E . -8.71 9.79 -13.37
C5 40O E . -9.82 9.34 -12.45
C6 40O E . -9.48 9.32 -10.99
C1 40O E . -8.13 8.43 -10.77
C2 40O E . -7.14 8.50 -11.90
C3 40O E . -7.32 9.66 -12.82
O8 40O E . -10.24 8.08 -12.82
C4 3ZQ F . -9.12 10.10 -12.88
C5 3ZQ F . -9.76 9.75 -11.58
C6 3ZQ F . -9.55 8.33 -11.16
C1 3ZQ F . -7.93 8.15 -11.09
C2 3ZQ F . -7.33 8.43 -12.43
C3 3ZQ F . -7.65 9.80 -12.91
O7 3ZQ F . -10.12 7.49 -12.10
C4 40O G . -2.54 -11.99 -24.43
C5 40O G . -3.21 -12.91 -23.44
C6 40O G . -4.38 -13.62 -24.02
C1 40O G . -5.41 -12.49 -24.59
C2 40O G . -4.73 -11.56 -25.54
C3 40O G . -3.48 -10.97 -24.98
O8 40O G . -3.66 -12.19 -22.35
C4 3ZQ H . -2.46 -12.66 -24.38
C5 3ZQ H . -3.54 -13.60 -23.94
C6 3ZQ H . -4.76 -12.96 -23.37
C1 3ZQ H . -5.37 -11.95 -24.50
C2 3ZQ H . -4.34 -11.36 -25.41
C3 3ZQ H . -2.96 -11.33 -24.82
O7 3ZQ H . -4.40 -12.28 -22.21
C4 40O I . 16.43 -1.83 9.14
C5 40O I . 15.82 -3.19 9.23
C6 40O I . 15.06 -3.61 8.01
C1 40O I . 13.91 -2.49 7.69
C2 40O I . 14.23 -1.12 8.21
C3 40O I . 15.69 -0.84 8.29
O8 40O I . 14.99 -3.28 10.33
C4 3ZQ J . 16.46 -2.25 8.72
C5 3ZQ J . 15.74 -3.51 8.33
C6 3ZQ J . 14.29 -3.52 8.64
C1 3ZQ J . 13.61 -2.26 7.84
C2 3ZQ J . 14.53 -1.10 7.64
C3 3ZQ J . 15.60 -1.02 8.68
O7 3ZQ J . 14.11 -3.42 10.01
C4 40O K . 1.37 10.54 25.23
C5 40O K . 0.24 9.56 25.28
C6 40O K . 0.12 8.88 26.60
C1 40O K . 1.56 8.17 26.91
C2 40O K . 2.68 9.14 26.83
C3 40O K . 2.70 9.92 25.56
O8 40O K . 0.43 8.58 24.32
C4 3ZQ L . 0.82 10.57 25.53
C5 3ZQ L . -0.03 9.53 26.18
C6 3ZQ L . 0.45 8.13 25.98
C1 3ZQ L . 1.96 8.03 26.62
C2 3ZQ L . 2.71 9.32 26.60
C3 3ZQ L . 2.28 10.27 25.53
O7 3ZQ L . 0.43 7.84 24.64
#